data_3KLO
#
_entry.id   3KLO
#
_cell.length_a   121.703
_cell.length_b   121.703
_cell.length_c   208.227
_cell.angle_alpha   90.00
_cell.angle_beta   90.00
_cell.angle_gamma   90.00
#
_symmetry.space_group_name_H-M   'P 41 21 2'
#
loop_
_entity.id
_entity.type
_entity.pdbx_description
1 polymer 'Transcriptional regulator VpsT'
2 non-polymer "9,9'-[(2R,3R,3aS,5S,7aR,9R,10R,10aS,12S,14aR)-3,5,10,12-tetrahydroxy-5,12-dioxidooctahydro-2H,7H-difuro[3,2-d:3',2'-j][1,3,7,9,2,8]tetraoxadiphosphacyclododecine-2,9-diyl]bis(2-amino-1,9-dihydro-6H-purin-6-one)"
3 non-polymer 'D(-)-TARTARIC ACID'
4 water water
#
_entity_poly.entity_id   1
_entity_poly.type   'polypeptide(L)'
_entity_poly.pdbx_seq_one_letter_code
;SMKDENKLNVRMLSDVCMQSRLLKEALESKLPLALEITPFSELWLEENKPESRSIQMLVIDYSRISDDVLTDYSSFKHIS
CPDAKEVIINCPQDIEHKLLFKWNNLAGVFYIDDDMDTLIKGMSKILQDEMWLTRKLAQEYILHYRAGNSVVTSQMYAKL
TKREQQIIKLLGSGASNIEIADKLFVSENTVKTHLHNVFKKINAKNRLQALIWAKNNIGIEEVNS
;
_entity_poly.pdbx_strand_id   A,B,C,D
#
# COMPACT_ATOMS: atom_id res chain seq x y z
N ASP A 4 5.98 -13.26 -5.04
CA ASP A 4 6.78 -12.51 -4.07
C ASP A 4 6.04 -12.38 -2.72
N GLU A 5 6.77 -12.58 -1.62
CA GLU A 5 6.18 -12.56 -0.28
C GLU A 5 5.70 -11.16 0.10
N ASN A 6 6.44 -10.16 -0.39
CA ASN A 6 6.14 -8.74 -0.19
C ASN A 6 4.78 -8.35 -0.75
N LYS A 7 4.44 -8.90 -1.92
CA LYS A 7 3.30 -8.44 -2.73
C LYS A 7 1.94 -8.92 -2.24
N LEU A 8 0.88 -8.27 -2.70
CA LEU A 8 -0.46 -8.65 -2.32
C LEU A 8 -0.88 -9.83 -3.15
N ASN A 9 -1.43 -10.86 -2.52
CA ASN A 9 -1.80 -12.07 -3.26
C ASN A 9 -3.17 -11.89 -3.88
N VAL A 10 -3.20 -11.79 -5.20
CA VAL A 10 -4.42 -11.49 -5.92
C VAL A 10 -4.78 -12.59 -6.93
N ARG A 11 -6.05 -12.97 -6.97
CA ARG A 11 -6.46 -14.03 -7.86
C ARG A 11 -7.57 -13.55 -8.77
N MET A 12 -7.35 -13.61 -10.08
CA MET A 12 -8.30 -13.06 -11.03
C MET A 12 -9.14 -14.16 -11.65
N LEU A 13 -10.44 -14.03 -11.50
CA LEU A 13 -11.34 -14.99 -12.06
C LEU A 13 -11.66 -14.57 -13.50
N SER A 14 -11.04 -15.24 -14.45
CA SER A 14 -11.23 -14.92 -15.87
C SER A 14 -10.69 -16.05 -16.75
N ASP A 15 -10.87 -15.93 -18.05
CA ASP A 15 -10.19 -16.84 -18.99
C ASP A 15 -8.70 -16.62 -18.91
N VAL A 16 -7.91 -17.59 -19.33
CA VAL A 16 -6.56 -17.21 -19.69
C VAL A 16 -6.52 -16.98 -21.20
N CYS A 17 -5.84 -15.91 -21.62
CA CYS A 17 -5.77 -15.55 -23.04
C CYS A 17 -4.88 -14.31 -23.24
N MET A 18 -4.54 -14.00 -24.49
CA MET A 18 -3.78 -12.78 -24.75
C MET A 18 -4.20 -11.67 -23.79
N GLN A 19 -5.48 -11.32 -23.84
CA GLN A 19 -6.00 -10.18 -23.10
C GLN A 19 -5.81 -10.30 -21.60
N SER A 20 -6.19 -11.42 -21.00
CA SER A 20 -6.02 -11.60 -19.57
C SER A 20 -4.57 -11.38 -19.17
N ARG A 21 -3.68 -12.14 -19.79
CA ARG A 21 -2.26 -12.01 -19.48
C ARG A 21 -1.72 -10.60 -19.67
N LEU A 22 -2.25 -9.90 -20.66
CA LEU A 22 -1.90 -8.50 -20.84
C LEU A 22 -2.35 -7.70 -19.61
N LEU A 23 -3.58 -7.94 -19.19
CA LEU A 23 -4.10 -7.26 -18.01
C LEU A 23 -3.22 -7.60 -16.79
N LYS A 24 -2.90 -8.87 -16.61
CA LYS A 24 -2.11 -9.27 -15.47
C LYS A 24 -0.79 -8.51 -15.48
N GLU A 25 -0.17 -8.47 -16.64
CA GLU A 25 1.10 -7.79 -16.79
C GLU A 25 0.91 -6.31 -16.43
N ALA A 26 -0.08 -5.67 -17.04
CA ALA A 26 -0.33 -4.26 -16.75
C ALA A 26 -0.54 -3.96 -15.26
N LEU A 27 -1.21 -4.86 -14.54
CA LEU A 27 -1.43 -4.62 -13.12
C LEU A 27 -0.13 -4.78 -12.33
N GLU A 28 0.57 -5.88 -12.53
CA GLU A 28 1.78 -6.17 -11.77
C GLU A 28 2.86 -5.11 -11.99
N SER A 29 2.82 -4.44 -13.13
CA SER A 29 3.72 -3.35 -13.46
C SER A 29 3.56 -2.14 -12.57
N LYS A 30 2.33 -1.84 -12.21
CA LYS A 30 2.02 -0.54 -11.63
C LYS A 30 1.57 -0.62 -10.19
N LEU A 31 1.40 -1.83 -9.68
CA LEU A 31 0.94 -2.02 -8.29
C LEU A 31 1.69 -3.15 -7.61
N PRO A 32 1.84 -3.07 -6.28
CA PRO A 32 2.60 -4.06 -5.50
C PRO A 32 1.79 -5.34 -5.32
N LEU A 33 1.51 -6.05 -6.39
CA LEU A 33 0.66 -7.24 -6.27
C LEU A 33 1.07 -8.40 -7.18
N ALA A 34 0.73 -9.60 -6.77
CA ALA A 34 1.10 -10.80 -7.48
C ALA A 34 -0.17 -11.50 -7.92
N LEU A 35 -0.46 -11.45 -9.21
CA LEU A 35 -1.73 -11.91 -9.72
C LEU A 35 -1.59 -13.24 -10.47
N GLU A 36 -2.40 -14.22 -10.10
CA GLU A 36 -2.49 -15.46 -10.87
C GLU A 36 -3.91 -15.53 -11.46
N ILE A 37 -4.11 -16.21 -12.57
CA ILE A 37 -5.43 -16.26 -13.20
C ILE A 37 -6.09 -17.62 -13.05
N THR A 38 -7.33 -17.65 -12.59
CA THR A 38 -8.06 -18.91 -12.46
C THR A 38 -9.45 -18.76 -13.05
N PRO A 39 -9.77 -19.56 -14.07
CA PRO A 39 -11.08 -19.50 -14.72
C PRO A 39 -12.15 -19.94 -13.75
N PHE A 40 -13.35 -19.38 -13.88
CA PHE A 40 -14.45 -19.74 -12.99
C PHE A 40 -14.66 -21.24 -12.99
N SER A 41 -14.68 -21.82 -14.18
CA SER A 41 -14.91 -23.25 -14.32
C SER A 41 -13.94 -24.10 -13.50
N GLU A 42 -12.79 -23.55 -13.15
CA GLU A 42 -11.76 -24.32 -12.45
C GLU A 42 -11.74 -24.00 -10.96
N LEU A 43 -12.61 -23.09 -10.55
CA LEU A 43 -12.61 -22.65 -9.17
C LEU A 43 -12.70 -23.84 -8.22
N TRP A 44 -13.60 -24.76 -8.52
CA TRP A 44 -13.89 -25.88 -7.62
C TRP A 44 -12.66 -26.71 -7.35
N LEU A 45 -11.64 -26.57 -8.19
CA LEU A 45 -10.42 -27.36 -8.02
C LEU A 45 -9.46 -26.69 -7.07
N GLU A 46 -9.69 -25.41 -6.82
CA GLU A 46 -8.79 -24.64 -5.96
C GLU A 46 -9.30 -24.63 -4.54
N GLU A 47 -10.57 -24.99 -4.35
CA GLU A 47 -11.23 -24.86 -3.06
C GLU A 47 -10.38 -25.38 -1.93
N ASN A 48 -9.77 -26.53 -2.13
CA ASN A 48 -9.03 -27.14 -1.02
C ASN A 48 -7.51 -27.13 -1.13
N LYS A 49 -6.99 -26.34 -2.06
CA LYS A 49 -5.54 -26.20 -2.13
C LYS A 49 -5.11 -25.31 -1.00
N PRO A 50 -3.91 -25.57 -0.45
CA PRO A 50 -3.39 -24.81 0.68
C PRO A 50 -3.04 -23.39 0.25
N GLU A 51 -2.51 -23.23 -0.95
CA GLU A 51 -2.13 -21.89 -1.40
C GLU A 51 -3.31 -20.96 -1.62
N SER A 52 -4.51 -21.53 -1.75
CA SER A 52 -5.70 -20.69 -1.91
C SER A 52 -5.96 -19.87 -0.68
N ARG A 53 -5.60 -20.40 0.48
CA ARG A 53 -5.84 -19.72 1.74
C ARG A 53 -5.06 -18.42 1.84
N SER A 54 -4.16 -18.19 0.89
CA SER A 54 -3.30 -17.02 0.93
C SER A 54 -3.81 -15.87 0.07
N ILE A 55 -4.88 -16.10 -0.69
CA ILE A 55 -5.47 -15.03 -1.49
C ILE A 55 -5.99 -13.94 -0.57
N GLN A 56 -5.73 -12.69 -0.96
CA GLN A 56 -6.18 -11.53 -0.21
C GLN A 56 -7.12 -10.72 -1.06
N MET A 57 -7.19 -11.03 -2.35
CA MET A 57 -8.07 -10.28 -3.27
C MET A 57 -8.51 -11.13 -4.44
N LEU A 58 -9.81 -11.16 -4.71
CA LEU A 58 -10.31 -11.74 -5.93
C LEU A 58 -10.71 -10.64 -6.89
N VAL A 59 -10.13 -10.64 -8.10
CA VAL A 59 -10.60 -9.77 -9.16
C VAL A 59 -11.59 -10.56 -9.98
N ILE A 60 -12.86 -10.16 -9.91
CA ILE A 60 -13.95 -10.91 -10.53
C ILE A 60 -14.32 -10.28 -11.84
N ASP A 61 -14.12 -11.02 -12.92
CA ASP A 61 -14.39 -10.53 -14.27
C ASP A 61 -15.85 -10.77 -14.66
N TYR A 62 -16.68 -9.74 -14.49
CA TYR A 62 -18.12 -9.90 -14.64
C TYR A 62 -18.52 -10.37 -16.03
N SER A 63 -17.68 -10.08 -17.01
CA SER A 63 -17.96 -10.49 -18.39
C SER A 63 -17.70 -11.97 -18.64
N ARG A 64 -17.27 -12.71 -17.62
CA ARG A 64 -17.08 -14.15 -17.78
C ARG A 64 -17.87 -14.89 -16.71
N ILE A 65 -18.80 -14.20 -16.09
CA ILE A 65 -19.54 -14.78 -14.97
C ILE A 65 -20.88 -15.34 -15.43
N SER A 66 -21.38 -16.33 -14.72
CA SER A 66 -22.64 -16.96 -15.06
C SER A 66 -23.22 -17.65 -13.85
N ASP A 67 -24.52 -17.91 -13.89
CA ASP A 67 -25.23 -18.41 -12.73
C ASP A 67 -24.74 -19.77 -12.22
N ASP A 68 -24.29 -20.62 -13.15
CA ASP A 68 -23.86 -21.95 -12.73
C ASP A 68 -22.49 -21.99 -12.06
N VAL A 69 -21.73 -20.91 -12.16
CA VAL A 69 -20.46 -20.85 -11.42
C VAL A 69 -20.61 -20.23 -10.03
N LEU A 70 -21.75 -19.60 -9.78
CA LEU A 70 -21.97 -18.87 -8.53
C LEU A 70 -21.93 -19.70 -7.24
N THR A 71 -22.47 -20.91 -7.26
CA THR A 71 -22.39 -21.72 -6.06
C THR A 71 -20.96 -22.11 -5.81
N ASP A 72 -20.26 -22.44 -6.91
CA ASP A 72 -18.86 -22.78 -6.84
C ASP A 72 -18.09 -21.62 -6.24
N TYR A 73 -18.41 -20.41 -6.67
CA TYR A 73 -17.74 -19.25 -6.10
C TYR A 73 -18.01 -19.14 -4.59
N SER A 74 -19.27 -19.20 -4.20
CA SER A 74 -19.60 -18.96 -2.81
C SER A 74 -18.91 -19.94 -1.88
N SER A 75 -18.77 -21.21 -2.27
CA SER A 75 -18.13 -22.17 -1.38
C SER A 75 -16.62 -21.99 -1.37
N PHE A 76 -16.08 -21.57 -2.51
CA PHE A 76 -14.64 -21.29 -2.60
C PHE A 76 -14.28 -20.14 -1.68
N LYS A 77 -15.08 -19.08 -1.73
CA LYS A 77 -14.80 -17.90 -0.94
C LYS A 77 -14.80 -18.28 0.53
N HIS A 78 -15.86 -18.95 0.95
CA HIS A 78 -16.03 -19.27 2.35
C HIS A 78 -15.00 -20.25 2.86
N ILE A 79 -14.67 -21.25 2.04
CA ILE A 79 -13.73 -22.26 2.49
C ILE A 79 -12.31 -21.71 2.57
N SER A 80 -11.80 -21.18 1.47
CA SER A 80 -10.39 -20.84 1.36
C SER A 80 -9.99 -19.44 1.81
N CYS A 81 -10.76 -18.43 1.39
CA CYS A 81 -10.35 -17.04 1.63
C CYS A 81 -11.51 -16.12 1.93
N PRO A 82 -12.23 -16.37 3.03
CA PRO A 82 -13.44 -15.61 3.33
C PRO A 82 -13.15 -14.14 3.65
N ASP A 83 -11.91 -13.82 3.96
CA ASP A 83 -11.61 -12.45 4.35
C ASP A 83 -11.06 -11.63 3.19
N ALA A 84 -10.85 -12.27 2.07
CA ALA A 84 -10.28 -11.60 0.91
C ALA A 84 -11.22 -10.53 0.40
N LYS A 85 -10.67 -9.40 -0.04
CA LYS A 85 -11.51 -8.37 -0.64
C LYS A 85 -11.94 -8.88 -1.99
N GLU A 86 -13.04 -8.33 -2.49
CA GLU A 86 -13.43 -8.61 -3.87
C GLU A 86 -13.61 -7.35 -4.69
N VAL A 87 -13.18 -7.42 -5.94
CA VAL A 87 -13.19 -6.30 -6.85
C VAL A 87 -13.76 -6.77 -8.16
N ILE A 88 -14.80 -6.11 -8.66
CA ILE A 88 -15.41 -6.50 -9.93
C ILE A 88 -14.79 -5.70 -11.07
N ILE A 89 -14.47 -6.37 -12.17
CA ILE A 89 -14.10 -5.63 -13.38
C ILE A 89 -15.08 -5.99 -14.48
N ASN A 90 -15.16 -5.15 -15.51
CA ASN A 90 -16.09 -5.36 -16.62
C ASN A 90 -17.58 -5.41 -16.19
N CYS A 91 -17.93 -4.68 -15.14
CA CYS A 91 -19.32 -4.59 -14.72
C CYS A 91 -20.13 -3.84 -15.75
N PRO A 92 -21.34 -4.32 -16.05
CA PRO A 92 -22.24 -3.58 -16.92
C PRO A 92 -22.61 -2.24 -16.29
N GLN A 93 -22.66 -1.17 -17.09
CA GLN A 93 -22.97 0.16 -16.58
C GLN A 93 -24.32 0.21 -15.86
N ASP A 94 -25.29 -0.46 -16.45
CA ASP A 94 -26.67 -0.41 -15.99
C ASP A 94 -26.98 -1.52 -14.99
N ILE A 95 -26.06 -1.83 -14.09
CA ILE A 95 -26.26 -3.01 -13.25
C ILE A 95 -27.08 -2.65 -12.02
N GLU A 96 -27.87 -3.60 -11.55
CA GLU A 96 -28.79 -3.35 -10.45
C GLU A 96 -28.05 -3.45 -9.14
N HIS A 97 -27.96 -2.33 -8.43
CA HIS A 97 -27.19 -2.26 -7.20
C HIS A 97 -27.31 -3.49 -6.29
N LYS A 98 -28.53 -3.94 -6.01
CA LYS A 98 -28.72 -5.02 -5.04
C LYS A 98 -28.11 -6.35 -5.50
N LEU A 99 -27.92 -6.51 -6.80
CA LEU A 99 -27.27 -7.70 -7.31
C LEU A 99 -25.80 -7.72 -6.88
N LEU A 100 -25.23 -6.53 -6.69
CA LEU A 100 -23.86 -6.40 -6.22
C LEU A 100 -23.66 -6.78 -4.75
N PHE A 101 -24.71 -6.67 -3.93
CA PHE A 101 -24.60 -6.97 -2.50
C PHE A 101 -24.20 -8.40 -2.13
N LYS A 102 -24.29 -9.33 -3.07
CA LYS A 102 -23.95 -10.72 -2.77
C LYS A 102 -22.45 -10.88 -2.57
N TRP A 103 -21.68 -9.95 -3.14
CA TRP A 103 -20.25 -9.94 -2.89
C TRP A 103 -20.01 -9.32 -1.52
N ASN A 104 -19.83 -10.17 -0.52
CA ASN A 104 -19.79 -9.74 0.86
C ASN A 104 -18.64 -8.84 1.19
N ASN A 105 -17.57 -8.94 0.40
CA ASN A 105 -16.42 -8.09 0.64
C ASN A 105 -16.11 -7.17 -0.51
N LEU A 106 -17.15 -6.77 -1.23
CA LEU A 106 -17.00 -5.85 -2.34
C LEU A 106 -16.24 -4.60 -1.92
N ALA A 107 -15.11 -4.34 -2.59
CA ALA A 107 -14.28 -3.18 -2.26
C ALA A 107 -14.28 -2.17 -3.40
N GLY A 108 -14.52 -2.63 -4.62
CA GLY A 108 -14.51 -1.73 -5.76
C GLY A 108 -15.19 -2.32 -6.98
N VAL A 109 -15.70 -1.44 -7.84
CA VAL A 109 -16.31 -1.90 -9.08
C VAL A 109 -15.71 -1.15 -10.27
N PHE A 110 -15.31 -1.89 -11.30
CA PHE A 110 -14.79 -1.26 -12.51
C PHE A 110 -15.68 -1.66 -13.67
N TYR A 111 -15.99 -0.71 -14.54
CA TYR A 111 -17.06 -0.91 -15.51
C TYR A 111 -16.54 -1.28 -16.87
N ILE A 112 -17.40 -1.90 -17.67
CA ILE A 112 -17.02 -2.43 -18.97
C ILE A 112 -16.31 -1.38 -19.84
N ASP A 113 -16.48 -0.10 -19.55
CA ASP A 113 -15.80 0.90 -20.35
C ASP A 113 -14.88 1.81 -19.56
N ASP A 114 -14.32 1.30 -18.47
CA ASP A 114 -13.30 2.02 -17.73
C ASP A 114 -11.94 1.81 -18.38
N ASP A 115 -11.16 2.88 -18.53
CA ASP A 115 -9.80 2.74 -19.07
C ASP A 115 -8.77 2.46 -17.97
N MET A 116 -7.55 2.12 -18.38
CA MET A 116 -6.53 1.69 -17.42
C MET A 116 -6.14 2.78 -16.45
N ASP A 117 -6.17 4.04 -16.89
CA ASP A 117 -5.88 5.11 -15.96
C ASP A 117 -6.79 4.94 -14.76
N THR A 118 -8.07 4.67 -15.00
CA THR A 118 -9.04 4.51 -13.94
C THR A 118 -8.78 3.24 -13.14
N LEU A 119 -8.53 2.12 -13.81
CA LEU A 119 -8.22 0.89 -13.10
C LEU A 119 -7.03 1.03 -12.15
N ILE A 120 -6.00 1.76 -12.56
CA ILE A 120 -4.81 1.85 -11.73
C ILE A 120 -5.07 2.83 -10.60
N LYS A 121 -5.85 3.87 -10.87
CA LYS A 121 -6.13 4.86 -9.83
C LYS A 121 -6.95 4.20 -8.74
N GLY A 122 -7.99 3.48 -9.13
CA GLY A 122 -8.88 2.83 -8.19
C GLY A 122 -8.19 1.70 -7.45
N MET A 123 -7.51 0.84 -8.20
CA MET A 123 -6.85 -0.29 -7.58
C MET A 123 -5.89 0.22 -6.53
N SER A 124 -5.21 1.31 -6.84
CA SER A 124 -4.24 1.81 -5.88
C SER A 124 -4.92 2.35 -4.64
N LYS A 125 -6.14 2.86 -4.78
CA LYS A 125 -6.86 3.32 -3.60
C LYS A 125 -7.40 2.13 -2.78
N ILE A 126 -7.96 1.13 -3.46
CA ILE A 126 -8.33 -0.08 -2.77
C ILE A 126 -7.13 -0.65 -2.00
N LEU A 127 -5.97 -0.76 -2.64
CA LEU A 127 -4.81 -1.29 -1.92
C LEU A 127 -4.45 -0.48 -0.69
N GLN A 128 -4.86 0.78 -0.62
CA GLN A 128 -4.66 1.57 0.59
C GLN A 128 -5.85 1.45 1.55
N ASP A 129 -6.72 0.48 1.29
CA ASP A 129 -7.92 0.23 2.09
C ASP A 129 -9.02 1.24 1.92
N GLU A 130 -9.04 1.95 0.80
CA GLU A 130 -10.18 2.78 0.43
C GLU A 130 -11.14 1.95 -0.42
N MET A 131 -12.35 2.43 -0.63
CA MET A 131 -13.25 1.75 -1.55
C MET A 131 -13.31 2.50 -2.87
N TRP A 132 -13.64 1.80 -3.93
CA TRP A 132 -13.81 2.45 -5.22
C TRP A 132 -15.24 2.20 -5.68
N LEU A 133 -16.20 2.75 -4.95
CA LEU A 133 -17.60 2.60 -5.33
C LEU A 133 -18.14 3.93 -5.80
N THR A 134 -19.12 3.85 -6.67
CA THR A 134 -19.75 5.02 -7.22
C THR A 134 -20.57 5.70 -6.12
N ARG A 135 -20.89 6.98 -6.28
CA ARG A 135 -21.70 7.66 -5.26
C ARG A 135 -23.03 6.96 -5.06
N LYS A 136 -23.82 6.85 -6.13
CA LYS A 136 -25.10 6.17 -6.03
C LYS A 136 -24.94 4.81 -5.38
N LEU A 137 -24.02 4.01 -5.88
CA LEU A 137 -23.84 2.68 -5.32
C LEU A 137 -23.58 2.80 -3.82
N ALA A 138 -22.66 3.66 -3.43
CA ALA A 138 -22.41 3.86 -2.00
C ALA A 138 -23.74 4.12 -1.30
N GLN A 139 -24.52 5.04 -1.85
CA GLN A 139 -25.76 5.44 -1.22
C GLN A 139 -26.71 4.26 -1.05
N GLU A 140 -26.78 3.40 -2.06
CA GLU A 140 -27.59 2.19 -1.95
C GLU A 140 -27.16 1.30 -0.80
N TYR A 141 -25.86 1.08 -0.65
CA TYR A 141 -25.43 0.29 0.51
C TYR A 141 -26.03 0.90 1.76
N ILE A 142 -25.69 2.15 2.04
CA ILE A 142 -26.13 2.81 3.25
C ILE A 142 -27.64 2.66 3.47
N LEU A 143 -28.43 3.15 2.53
CA LEU A 143 -29.88 3.01 2.60
C LEU A 143 -30.30 1.61 3.03
N HIS A 144 -29.91 0.62 2.23
CA HIS A 144 -30.17 -0.78 2.52
C HIS A 144 -29.74 -1.19 3.92
N TYR A 145 -28.43 -1.33 4.12
CA TYR A 145 -27.89 -1.85 5.38
C TYR A 145 -28.32 -1.08 6.62
N ARG A 146 -28.04 0.22 6.65
CA ARG A 146 -28.44 1.07 7.78
C ARG A 146 -29.91 0.87 8.18
N ALA A 147 -30.77 0.71 7.16
CA ALA A 147 -32.18 0.44 7.40
C ALA A 147 -32.44 -1.00 7.89
N GLY A 148 -31.39 -1.67 8.35
CA GLY A 148 -31.52 -2.98 8.98
C GLY A 148 -31.57 -4.25 8.12
N ASN A 149 -31.53 -4.09 6.80
CA ASN A 149 -31.59 -5.24 5.89
C ASN A 149 -30.22 -5.85 5.61
N SER A 150 -30.20 -7.17 5.35
CA SER A 150 -28.94 -7.84 5.01
C SER A 150 -29.01 -8.54 3.65
N VAL A 151 -29.16 -9.85 3.65
CA VAL A 151 -29.15 -10.63 2.40
C VAL A 151 -30.33 -10.32 1.48
N VAL A 152 -30.04 -10.22 0.19
CA VAL A 152 -31.07 -10.08 -0.83
C VAL A 152 -31.38 -11.45 -1.44
N THR A 153 -32.60 -11.91 -1.25
CA THR A 153 -32.95 -13.26 -1.68
C THR A 153 -32.89 -13.39 -3.20
N SER A 154 -32.12 -14.37 -3.67
CA SER A 154 -31.81 -14.49 -5.10
C SER A 154 -33.00 -14.86 -5.96
N GLN A 155 -32.73 -15.13 -7.24
CA GLN A 155 -33.79 -15.51 -8.18
C GLN A 155 -34.02 -17.01 -8.23
N MET A 156 -32.94 -17.80 -8.15
CA MET A 156 -33.08 -19.25 -8.15
C MET A 156 -34.07 -19.68 -7.08
N TYR A 157 -33.91 -19.13 -5.88
CA TYR A 157 -34.77 -19.48 -4.75
C TYR A 157 -36.25 -19.32 -5.07
N ALA A 158 -36.63 -18.14 -5.53
CA ALA A 158 -38.02 -17.84 -5.83
C ALA A 158 -38.62 -18.81 -6.84
N LYS A 159 -37.74 -19.57 -7.51
CA LYS A 159 -38.17 -20.53 -8.53
C LYS A 159 -38.39 -21.94 -7.99
N LEU A 160 -38.34 -22.10 -6.67
CA LEU A 160 -38.51 -23.40 -6.04
C LEU A 160 -39.95 -23.65 -5.59
N THR A 161 -40.33 -24.92 -5.47
CA THR A 161 -41.67 -25.25 -4.98
C THR A 161 -41.71 -24.94 -3.48
N LYS A 162 -42.90 -24.97 -2.90
CA LYS A 162 -43.03 -24.56 -1.50
C LYS A 162 -42.27 -25.46 -0.53
N ARG A 163 -42.48 -26.77 -0.61
CA ARG A 163 -41.68 -27.71 0.16
C ARG A 163 -40.22 -27.31 0.07
N GLU A 164 -39.76 -27.16 -1.16
CA GLU A 164 -38.34 -26.95 -1.43
C GLU A 164 -37.83 -25.66 -0.80
N GLN A 165 -38.61 -24.59 -0.92
CA GLN A 165 -38.26 -23.35 -0.26
C GLN A 165 -38.15 -23.58 1.24
N GLN A 166 -39.22 -24.07 1.84
CA GLN A 166 -39.24 -24.31 3.27
C GLN A 166 -38.00 -25.08 3.70
N ILE A 167 -37.68 -26.14 2.95
CA ILE A 167 -36.54 -26.98 3.30
C ILE A 167 -35.21 -26.25 3.16
N ILE A 168 -35.10 -25.40 2.15
CA ILE A 168 -33.87 -24.63 1.97
C ILE A 168 -33.73 -23.60 3.10
N LYS A 169 -34.71 -22.71 3.25
CA LYS A 169 -34.69 -21.71 4.31
C LYS A 169 -34.10 -22.30 5.57
N LEU A 170 -34.61 -23.46 5.97
CA LEU A 170 -34.13 -24.07 7.19
C LEU A 170 -32.66 -24.44 7.06
N LEU A 171 -32.30 -25.09 5.96
CA LEU A 171 -30.91 -25.51 5.72
C LEU A 171 -29.96 -24.33 5.93
N GLY A 172 -30.30 -23.20 5.32
CA GLY A 172 -29.53 -21.97 5.43
C GLY A 172 -29.83 -21.20 6.71
N SER A 173 -30.14 -21.96 7.75
CA SER A 173 -30.17 -21.47 9.12
C SER A 173 -29.36 -22.48 9.89
N GLY A 174 -28.82 -23.45 9.15
CA GLY A 174 -27.91 -24.43 9.70
C GLY A 174 -28.58 -25.64 10.30
N ALA A 175 -29.86 -25.82 10.03
CA ALA A 175 -30.61 -26.96 10.55
C ALA A 175 -30.08 -28.29 9.99
N SER A 176 -30.22 -29.35 10.78
CA SER A 176 -29.88 -30.70 10.35
C SER A 176 -30.97 -31.25 9.43
N ASN A 177 -30.67 -32.29 8.68
CA ASN A 177 -31.72 -33.01 7.98
C ASN A 177 -32.86 -33.36 8.92
N ILE A 178 -32.53 -34.11 9.98
CA ILE A 178 -33.50 -34.50 10.99
C ILE A 178 -34.21 -33.29 11.61
N GLU A 179 -33.46 -32.25 11.95
CA GLU A 179 -34.10 -31.03 12.43
C GLU A 179 -35.17 -30.52 11.45
N ILE A 180 -34.85 -30.51 10.17
CA ILE A 180 -35.77 -30.05 9.14
C ILE A 180 -36.99 -30.95 9.06
N ALA A 181 -36.73 -32.25 8.98
CA ALA A 181 -37.82 -33.21 9.00
C ALA A 181 -38.80 -32.87 10.12
N ASP A 182 -38.29 -32.67 11.32
CA ASP A 182 -39.16 -32.50 12.49
C ASP A 182 -39.90 -31.17 12.50
N LYS A 183 -39.35 -30.14 11.87
CA LYS A 183 -40.06 -28.88 11.82
C LYS A 183 -41.18 -28.92 10.79
N LEU A 184 -40.97 -29.68 9.71
CA LEU A 184 -41.98 -29.82 8.68
C LEU A 184 -42.83 -31.09 8.85
N PHE A 185 -42.66 -31.81 9.95
CA PHE A 185 -43.45 -33.02 10.23
C PHE A 185 -43.38 -34.01 9.07
N VAL A 186 -42.18 -34.47 8.77
CA VAL A 186 -41.92 -35.23 7.57
C VAL A 186 -40.81 -36.25 7.83
N SER A 187 -40.72 -37.27 6.99
CA SER A 187 -39.69 -38.29 7.12
C SER A 187 -38.29 -37.73 6.90
N GLU A 188 -37.29 -38.30 7.57
CA GLU A 188 -35.92 -37.81 7.40
C GLU A 188 -35.47 -37.98 5.96
N ASN A 189 -35.73 -39.14 5.39
CA ASN A 189 -35.33 -39.39 4.02
C ASN A 189 -36.12 -38.54 3.05
N THR A 190 -37.32 -38.13 3.47
CA THR A 190 -38.15 -37.24 2.65
C THR A 190 -37.38 -35.97 2.29
N VAL A 191 -36.91 -35.27 3.31
CA VAL A 191 -36.18 -34.03 3.08
C VAL A 191 -34.92 -34.32 2.29
N LYS A 192 -34.25 -35.43 2.60
CA LYS A 192 -33.05 -35.81 1.88
C LYS A 192 -33.34 -35.82 0.38
N THR A 193 -34.54 -36.27 0.01
CA THR A 193 -34.89 -36.42 -1.39
C THR A 193 -35.20 -35.09 -2.05
N HIS A 194 -35.78 -34.18 -1.30
CA HIS A 194 -36.05 -32.85 -1.83
C HIS A 194 -34.75 -32.12 -2.10
N LEU A 195 -33.81 -32.22 -1.15
CA LEU A 195 -32.54 -31.54 -1.27
C LEU A 195 -31.86 -31.93 -2.56
N HIS A 196 -31.84 -33.23 -2.86
CA HIS A 196 -31.25 -33.70 -4.11
C HIS A 196 -31.86 -32.99 -5.32
N ASN A 197 -33.14 -32.68 -5.25
CA ASN A 197 -33.80 -31.96 -6.32
C ASN A 197 -33.35 -30.51 -6.29
N VAL A 198 -33.28 -29.94 -5.09
CA VAL A 198 -32.89 -28.55 -4.93
C VAL A 198 -31.45 -28.28 -5.39
N PHE A 199 -30.58 -29.30 -5.32
CA PHE A 199 -29.22 -29.13 -5.81
C PHE A 199 -29.21 -28.90 -7.32
N LYS A 200 -30.36 -28.50 -7.83
CA LYS A 200 -30.50 -27.84 -9.13
C LYS A 200 -31.77 -26.95 -9.14
N LYS A 201 -31.63 -25.71 -9.60
CA LYS A 201 -30.41 -25.30 -10.27
C LYS A 201 -29.46 -24.59 -9.33
N ILE A 202 -29.80 -24.52 -8.03
CA ILE A 202 -28.87 -23.83 -7.12
C ILE A 202 -27.49 -24.35 -7.46
N ASN A 203 -27.44 -25.61 -7.91
CA ASN A 203 -26.22 -26.13 -8.51
C ASN A 203 -25.22 -26.61 -7.48
N ALA A 204 -25.71 -27.06 -6.33
CA ALA A 204 -24.83 -27.52 -5.26
C ALA A 204 -24.28 -28.90 -5.57
N LYS A 205 -22.97 -29.02 -5.70
CA LYS A 205 -22.35 -30.31 -5.93
C LYS A 205 -22.60 -31.15 -4.68
N ASN A 206 -22.95 -30.47 -3.59
CA ASN A 206 -23.23 -31.16 -2.34
C ASN A 206 -23.97 -30.29 -1.33
N ARG A 207 -24.07 -30.79 -0.10
CA ARG A 207 -24.87 -30.12 0.93
C ARG A 207 -24.17 -28.87 1.45
N LEU A 208 -22.90 -29.01 1.81
CA LEU A 208 -22.10 -27.89 2.28
C LEU A 208 -22.23 -26.69 1.34
N GLN A 209 -22.08 -26.94 0.04
CA GLN A 209 -22.28 -25.91 -0.96
C GLN A 209 -23.63 -25.23 -0.80
N ALA A 210 -24.69 -26.02 -0.86
CA ALA A 210 -26.05 -25.49 -0.77
C ALA A 210 -26.23 -24.70 0.52
N LEU A 211 -25.74 -25.27 1.61
CA LEU A 211 -25.84 -24.62 2.91
C LEU A 211 -25.16 -23.26 2.87
N ILE A 212 -24.03 -23.18 2.17
CA ILE A 212 -23.31 -21.92 2.01
C ILE A 212 -23.99 -21.02 0.99
N TRP A 213 -24.67 -21.64 0.03
CA TRP A 213 -25.49 -20.93 -0.92
C TRP A 213 -26.60 -20.23 -0.17
N ALA A 214 -27.32 -21.02 0.62
CA ALA A 214 -28.46 -20.52 1.36
C ALA A 214 -28.10 -19.31 2.21
N LYS A 215 -27.03 -19.44 3.00
CA LYS A 215 -26.65 -18.37 3.92
C LYS A 215 -26.44 -17.04 3.21
N ASN A 216 -26.08 -17.10 1.92
CA ASN A 216 -25.72 -15.91 1.18
C ASN A 216 -26.77 -15.52 0.14
N ASN A 217 -27.78 -16.35 -0.04
CA ASN A 217 -28.72 -16.15 -1.14
C ASN A 217 -30.20 -16.14 -0.77
N ILE A 218 -30.52 -16.55 0.46
CA ILE A 218 -31.90 -16.49 0.93
C ILE A 218 -32.04 -15.75 2.26
N GLY A 219 -32.64 -14.56 2.22
CA GLY A 219 -32.75 -13.75 3.41
C GLY A 219 -34.18 -13.39 3.75
N ILE A 220 -34.46 -13.25 5.05
CA ILE A 220 -35.81 -12.99 5.58
C ILE A 220 -36.77 -12.37 4.55
N GLU B 5 -47.50 24.64 1.04
CA GLU B 5 -46.38 23.76 0.68
C GLU B 5 -45.83 24.06 -0.73
N ASN B 6 -45.65 23.01 -1.53
CA ASN B 6 -44.85 23.07 -2.76
C ASN B 6 -43.35 23.20 -2.42
N LYS B 7 -43.04 23.78 -1.26
CA LYS B 7 -41.67 23.87 -0.78
C LYS B 7 -41.35 22.83 0.31
N LEU B 8 -40.11 22.34 0.32
CA LEU B 8 -39.73 21.38 1.35
C LEU B 8 -39.75 22.07 2.71
N ASN B 9 -40.31 21.39 3.70
CA ASN B 9 -40.41 21.97 5.04
C ASN B 9 -39.12 21.69 5.79
N VAL B 10 -38.28 22.71 5.92
CA VAL B 10 -36.97 22.54 6.50
C VAL B 10 -36.91 23.29 7.80
N ARG B 11 -36.29 22.67 8.79
CA ARG B 11 -36.15 23.26 10.10
C ARG B 11 -34.68 23.26 10.49
N MET B 12 -34.13 24.44 10.73
CA MET B 12 -32.72 24.56 11.05
C MET B 12 -32.52 24.79 12.53
N LEU B 13 -31.73 23.92 13.15
CA LEU B 13 -31.48 24.03 14.55
C LEU B 13 -30.25 24.91 14.70
N SER B 14 -30.47 26.15 15.14
CA SER B 14 -29.39 27.11 15.26
C SER B 14 -29.89 28.32 16.03
N ASP B 15 -28.99 29.22 16.40
CA ASP B 15 -29.36 30.50 16.99
C ASP B 15 -30.12 31.32 15.98
N VAL B 16 -31.06 32.15 16.43
CA VAL B 16 -31.53 33.21 15.55
C VAL B 16 -30.58 34.40 15.68
N CYS B 17 -30.13 34.93 14.54
CA CYS B 17 -29.24 36.10 14.54
C CYS B 17 -29.01 36.58 13.10
N MET B 18 -28.28 37.67 12.93
CA MET B 18 -27.97 38.16 11.59
C MET B 18 -27.62 36.97 10.70
N GLN B 19 -26.54 36.29 11.07
CA GLN B 19 -25.96 35.23 10.25
C GLN B 19 -26.97 34.15 9.87
N SER B 20 -27.68 33.60 10.85
CA SER B 20 -28.64 32.55 10.57
C SER B 20 -29.63 33.02 9.52
N ARG B 21 -30.23 34.18 9.74
CA ARG B 21 -31.21 34.70 8.79
C ARG B 21 -30.60 34.94 7.42
N LEU B 22 -29.38 35.45 7.40
CA LEU B 22 -28.67 35.55 6.14
C LEU B 22 -28.67 34.17 5.46
N LEU B 23 -28.25 33.15 6.20
CA LEU B 23 -28.19 31.80 5.66
C LEU B 23 -29.56 31.35 5.18
N LYS B 24 -30.59 31.63 5.96
CA LYS B 24 -31.92 31.18 5.58
C LYS B 24 -32.32 31.83 4.28
N GLU B 25 -32.16 33.13 4.21
CA GLU B 25 -32.43 33.88 2.99
C GLU B 25 -31.66 33.25 1.85
N ALA B 26 -30.35 33.05 2.05
CA ALA B 26 -29.51 32.49 0.99
C ALA B 26 -30.05 31.14 0.52
N LEU B 27 -30.54 30.32 1.44
CA LEU B 27 -31.01 28.99 1.08
C LEU B 27 -32.34 29.06 0.35
N GLU B 28 -33.30 29.75 0.95
CA GLU B 28 -34.65 29.85 0.40
C GLU B 28 -34.65 30.44 -1.01
N SER B 29 -33.65 31.25 -1.33
CA SER B 29 -33.62 31.94 -2.61
C SER B 29 -32.96 31.13 -3.72
N LYS B 30 -32.24 30.07 -3.37
CA LYS B 30 -31.59 29.25 -4.38
C LYS B 30 -32.17 27.85 -4.50
N LEU B 31 -33.05 27.50 -3.57
CA LEU B 31 -33.66 26.17 -3.56
C LEU B 31 -35.13 26.24 -3.23
N PRO B 32 -35.88 25.20 -3.64
CA PRO B 32 -37.32 25.08 -3.42
C PRO B 32 -37.64 24.64 -1.99
N LEU B 33 -37.37 25.49 -1.00
CA LEU B 33 -37.62 25.09 0.37
C LEU B 33 -38.03 26.23 1.32
N ALA B 34 -38.82 25.90 2.32
CA ALA B 34 -39.29 26.87 3.29
C ALA B 34 -38.66 26.58 4.63
N LEU B 35 -37.70 27.42 5.02
CA LEU B 35 -36.94 27.19 6.22
C LEU B 35 -37.43 28.05 7.38
N GLU B 36 -37.59 27.46 8.55
CA GLU B 36 -37.78 28.21 9.79
C GLU B 36 -36.59 27.88 10.70
N ILE B 37 -36.29 28.76 11.65
CA ILE B 37 -35.16 28.52 12.54
C ILE B 37 -35.61 28.29 13.98
N THR B 38 -35.13 27.20 14.58
CA THR B 38 -35.47 26.90 15.95
C THR B 38 -34.21 26.54 16.72
N PRO B 39 -33.90 27.29 17.78
CA PRO B 39 -32.69 27.07 18.57
C PRO B 39 -32.81 25.76 19.34
N PHE B 40 -31.69 25.08 19.55
CA PHE B 40 -31.72 23.80 20.23
C PHE B 40 -32.44 23.93 21.54
N SER B 41 -31.99 24.85 22.37
CA SER B 41 -32.53 25.03 23.71
C SER B 41 -34.06 25.13 23.75
N GLU B 42 -34.66 25.38 22.60
CA GLU B 42 -36.08 25.68 22.54
C GLU B 42 -36.83 24.51 21.88
N LEU B 43 -36.09 23.45 21.61
CA LEU B 43 -36.62 22.29 20.89
C LEU B 43 -37.76 21.62 21.64
N TRP B 44 -37.68 21.60 22.96
CA TRP B 44 -38.68 20.92 23.78
C TRP B 44 -40.03 21.58 23.65
N LEU B 45 -40.06 22.88 23.35
CA LEU B 45 -41.33 23.58 23.15
C LEU B 45 -42.01 23.17 21.85
N GLU B 46 -41.22 22.68 20.89
CA GLU B 46 -41.74 22.37 19.57
C GLU B 46 -42.15 20.92 19.47
N GLU B 47 -41.79 20.14 20.49
CA GLU B 47 -41.94 18.70 20.41
C GLU B 47 -43.37 18.29 20.15
N ASN B 48 -44.30 18.96 20.79
CA ASN B 48 -45.69 18.57 20.63
C ASN B 48 -46.57 19.56 19.89
N LYS B 49 -45.98 20.31 18.97
CA LYS B 49 -46.77 21.20 18.14
C LYS B 49 -47.20 20.44 16.91
N PRO B 50 -48.37 20.78 16.37
CA PRO B 50 -48.92 20.18 15.15
C PRO B 50 -47.96 20.36 13.97
N GLU B 51 -47.44 21.56 13.82
CA GLU B 51 -46.63 21.91 12.66
C GLU B 51 -45.27 21.22 12.65
N SER B 52 -44.86 20.69 13.79
CA SER B 52 -43.57 20.00 13.81
C SER B 52 -43.64 18.71 13.01
N ARG B 53 -44.84 18.14 12.89
CA ARG B 53 -45.01 16.89 12.16
C ARG B 53 -44.86 17.08 10.66
N SER B 54 -44.75 18.34 10.24
CA SER B 54 -44.65 18.64 8.82
C SER B 54 -43.20 18.79 8.36
N ILE B 55 -42.27 18.82 9.32
CA ILE B 55 -40.86 18.96 9.01
C ILE B 55 -40.36 17.78 8.19
N GLN B 56 -39.67 18.07 7.10
CA GLN B 56 -39.14 17.05 6.21
C GLN B 56 -37.61 16.99 6.30
N MET B 57 -36.99 18.06 6.80
CA MET B 57 -35.53 18.14 6.89
C MET B 57 -35.09 18.93 8.10
N LEU B 58 -34.12 18.38 8.83
CA LEU B 58 -33.49 19.14 9.88
C LEU B 58 -32.08 19.53 9.46
N VAL B 59 -31.81 20.83 9.45
CA VAL B 59 -30.45 21.30 9.21
C VAL B 59 -29.87 21.55 10.59
N ILE B 60 -28.96 20.68 11.00
CA ILE B 60 -28.43 20.69 12.35
C ILE B 60 -27.11 21.41 12.38
N ASP B 61 -27.05 22.51 13.11
CA ASP B 61 -25.85 23.33 13.12
C ASP B 61 -24.90 22.86 14.22
N TYR B 62 -23.90 22.08 13.83
CA TYR B 62 -23.00 21.44 14.79
C TYR B 62 -22.30 22.43 15.71
N SER B 63 -21.94 23.58 15.17
CA SER B 63 -21.30 24.61 15.97
C SER B 63 -22.15 25.05 17.16
N ARG B 64 -23.46 24.86 17.09
CA ARG B 64 -24.30 25.28 18.22
C ARG B 64 -24.81 24.08 19.01
N ILE B 65 -24.11 22.96 18.93
CA ILE B 65 -24.61 21.74 19.56
C ILE B 65 -23.80 21.37 20.80
N SER B 66 -24.50 20.89 21.81
CA SER B 66 -23.86 20.46 23.04
C SER B 66 -24.53 19.18 23.53
N ASP B 67 -23.89 18.50 24.47
CA ASP B 67 -24.40 17.21 24.94
C ASP B 67 -25.73 17.33 25.69
N ASP B 68 -25.92 18.45 26.38
CA ASP B 68 -27.13 18.62 27.17
C ASP B 68 -28.38 18.82 26.31
N VAL B 69 -28.20 19.15 25.03
CA VAL B 69 -29.37 19.28 24.15
C VAL B 69 -29.66 18.01 23.35
N LEU B 70 -28.77 17.03 23.47
CA LEU B 70 -28.85 15.84 22.63
C LEU B 70 -30.07 14.98 22.92
N THR B 71 -30.36 14.74 24.18
CA THR B 71 -31.50 13.90 24.50
C THR B 71 -32.77 14.65 24.13
N ASP B 72 -32.72 15.97 24.23
CA ASP B 72 -33.82 16.79 23.77
C ASP B 72 -34.03 16.59 22.29
N TYR B 73 -32.94 16.50 21.54
CA TYR B 73 -33.06 16.27 20.10
C TYR B 73 -33.68 14.92 19.77
N SER B 74 -33.19 13.85 20.39
CA SER B 74 -33.64 12.53 20.00
C SER B 74 -35.12 12.30 20.29
N SER B 75 -35.65 12.93 21.34
CA SER B 75 -37.08 12.75 21.61
C SER B 75 -37.93 13.57 20.64
N PHE B 76 -37.43 14.75 20.27
CA PHE B 76 -38.11 15.59 19.28
C PHE B 76 -38.21 14.90 17.93
N LYS B 77 -37.10 14.30 17.50
CA LYS B 77 -37.02 13.66 16.20
C LYS B 77 -38.07 12.58 16.12
N HIS B 78 -38.09 11.75 17.15
CA HIS B 78 -38.93 10.55 17.16
C HIS B 78 -40.41 10.85 17.37
N ILE B 79 -40.72 11.78 18.26
CA ILE B 79 -42.09 12.17 18.49
C ILE B 79 -42.69 12.84 17.26
N SER B 80 -41.97 13.82 16.70
CA SER B 80 -42.59 14.69 15.70
C SER B 80 -42.25 14.43 14.23
N CYS B 81 -41.01 14.09 13.92
CA CYS B 81 -40.61 13.94 12.52
C CYS B 81 -39.54 12.88 12.31
N PRO B 82 -39.85 11.64 12.69
CA PRO B 82 -38.89 10.54 12.66
C PRO B 82 -38.38 10.25 11.25
N ASP B 83 -39.13 10.64 10.23
CA ASP B 83 -38.76 10.29 8.87
C ASP B 83 -38.07 11.44 8.17
N ALA B 84 -37.91 12.54 8.88
CA ALA B 84 -37.30 13.72 8.28
C ALA B 84 -35.83 13.42 8.03
N LYS B 85 -35.28 13.98 6.96
CA LYS B 85 -33.86 13.81 6.69
C LYS B 85 -33.05 14.68 7.65
N GLU B 86 -31.82 14.25 7.93
CA GLU B 86 -30.92 15.07 8.72
C GLU B 86 -29.73 15.55 7.89
N VAL B 87 -29.45 16.84 7.96
CA VAL B 87 -28.32 17.42 7.26
C VAL B 87 -27.51 18.24 8.24
N ILE B 88 -26.26 17.88 8.44
CA ILE B 88 -25.38 18.60 9.36
C ILE B 88 -24.64 19.74 8.67
N ILE B 89 -24.49 20.87 9.35
CA ILE B 89 -23.63 21.96 8.85
C ILE B 89 -22.66 22.36 9.95
N ASN B 90 -21.57 23.03 9.56
CA ASN B 90 -20.54 23.43 10.50
C ASN B 90 -19.90 22.25 11.26
N CYS B 91 -19.83 21.11 10.58
CA CYS B 91 -19.18 19.95 11.16
C CYS B 91 -17.67 20.12 11.18
N PRO B 92 -17.02 19.75 12.29
CA PRO B 92 -15.57 19.82 12.33
C PRO B 92 -14.94 18.90 11.30
N GLN B 93 -13.92 19.39 10.60
CA GLN B 93 -13.22 18.61 9.58
C GLN B 93 -12.75 17.25 10.07
N ASP B 94 -12.36 17.21 11.33
CA ASP B 94 -11.67 16.07 11.91
C ASP B 94 -12.60 15.19 12.73
N ILE B 95 -13.91 15.32 12.54
CA ILE B 95 -14.84 14.56 13.36
C ILE B 95 -14.71 13.07 13.15
N GLU B 96 -14.94 12.32 14.22
CA GLU B 96 -14.81 10.87 14.20
C GLU B 96 -16.07 10.25 13.61
N HIS B 97 -15.91 9.53 12.51
CA HIS B 97 -17.05 9.06 11.75
C HIS B 97 -18.15 8.38 12.58
N LYS B 98 -17.76 7.49 13.47
CA LYS B 98 -18.75 6.79 14.30
C LYS B 98 -19.68 7.74 15.05
N LEU B 99 -19.18 8.90 15.45
CA LEU B 99 -20.00 9.83 16.21
C LEU B 99 -21.17 10.34 15.37
N LEU B 100 -20.99 10.33 14.05
CA LEU B 100 -22.01 10.81 13.12
C LEU B 100 -23.17 9.82 12.92
N PHE B 101 -22.94 8.54 13.19
CA PHE B 101 -23.99 7.53 12.98
C PHE B 101 -25.24 7.70 13.84
N LYS B 102 -25.14 8.49 14.91
CA LYS B 102 -26.28 8.68 15.79
C LYS B 102 -27.41 9.45 15.10
N TRP B 103 -27.11 10.08 13.97
CA TRP B 103 -28.14 10.71 13.15
C TRP B 103 -28.69 9.68 12.19
N ASN B 104 -29.85 9.13 12.54
CA ASN B 104 -30.35 7.95 11.88
C ASN B 104 -30.74 8.18 10.44
N ASN B 105 -30.96 9.44 10.10
CA ASN B 105 -31.32 9.81 8.74
C ASN B 105 -30.34 10.79 8.12
N LEU B 106 -29.08 10.72 8.53
CA LEU B 106 -28.05 11.53 7.92
C LEU B 106 -28.13 11.40 6.41
N ALA B 107 -28.08 12.53 5.71
CA ALA B 107 -28.12 12.56 4.26
C ALA B 107 -26.98 13.42 3.72
N GLY B 108 -26.43 14.29 4.56
CA GLY B 108 -25.38 15.17 4.11
C GLY B 108 -24.62 15.80 5.25
N VAL B 109 -23.33 16.01 5.05
CA VAL B 109 -22.54 16.70 6.04
C VAL B 109 -21.86 17.91 5.39
N PHE B 110 -21.86 19.05 6.07
CA PHE B 110 -21.17 20.22 5.56
C PHE B 110 -20.22 20.73 6.61
N TYR B 111 -19.02 21.09 6.19
CA TYR B 111 -17.95 21.25 7.15
C TYR B 111 -17.72 22.72 7.45
N ILE B 112 -17.14 22.99 8.62
CA ILE B 112 -16.90 24.34 9.05
C ILE B 112 -16.35 25.27 7.96
N ASP B 113 -15.61 24.73 7.01
CA ASP B 113 -15.01 25.58 5.99
C ASP B 113 -15.57 25.41 4.58
N ASP B 114 -16.73 24.81 4.46
CA ASP B 114 -17.41 24.73 3.18
C ASP B 114 -18.03 26.08 2.85
N ASP B 115 -17.84 26.53 1.61
CA ASP B 115 -18.47 27.77 1.15
C ASP B 115 -19.88 27.54 0.60
N MET B 116 -20.61 28.62 0.37
CA MET B 116 -22.00 28.53 -0.05
C MET B 116 -22.17 27.78 -1.36
N ASP B 117 -21.20 27.91 -2.26
CA ASP B 117 -21.30 27.21 -3.53
C ASP B 117 -21.38 25.72 -3.28
N THR B 118 -20.67 25.25 -2.26
CA THR B 118 -20.72 23.85 -1.85
C THR B 118 -22.05 23.55 -1.16
N LEU B 119 -22.49 24.43 -0.29
CA LEU B 119 -23.79 24.24 0.35
C LEU B 119 -24.91 24.09 -0.68
N ILE B 120 -24.95 24.95 -1.68
CA ILE B 120 -26.01 24.88 -2.66
C ILE B 120 -25.87 23.64 -3.52
N LYS B 121 -24.64 23.24 -3.82
CA LYS B 121 -24.42 22.12 -4.72
C LYS B 121 -24.91 20.83 -4.08
N GLY B 122 -24.60 20.65 -2.80
CA GLY B 122 -24.97 19.45 -2.07
C GLY B 122 -26.45 19.42 -1.74
N MET B 123 -26.98 20.56 -1.32
CA MET B 123 -28.37 20.61 -0.93
C MET B 123 -29.21 20.21 -2.13
N SER B 124 -28.80 20.65 -3.31
CA SER B 124 -29.55 20.28 -4.50
C SER B 124 -29.44 18.79 -4.76
N LYS B 125 -28.26 18.23 -4.57
CA LYS B 125 -28.17 16.78 -4.73
C LYS B 125 -29.05 16.07 -3.68
N ILE B 126 -29.03 16.55 -2.44
CA ILE B 126 -29.92 15.97 -1.43
C ILE B 126 -31.39 16.12 -1.80
N LEU B 127 -31.82 17.30 -2.23
CA LEU B 127 -33.22 17.49 -2.59
C LEU B 127 -33.65 16.56 -3.72
N GLN B 128 -32.68 16.08 -4.50
CA GLN B 128 -32.92 15.07 -5.54
C GLN B 128 -32.87 13.64 -4.97
N ASP B 129 -32.75 13.54 -3.65
CA ASP B 129 -32.66 12.25 -2.94
C ASP B 129 -31.30 11.58 -3.06
N GLU B 130 -30.25 12.35 -3.35
CA GLU B 130 -28.88 11.83 -3.31
C GLU B 130 -28.26 12.16 -1.95
N MET B 131 -27.14 11.55 -1.62
CA MET B 131 -26.47 11.90 -0.37
C MET B 131 -25.26 12.80 -0.64
N TRP B 132 -24.88 13.57 0.37
CA TRP B 132 -23.68 14.39 0.25
C TRP B 132 -22.74 13.93 1.32
N LEU B 133 -22.18 12.74 1.14
CA LEU B 133 -21.24 12.20 2.11
C LEU B 133 -19.86 12.09 1.49
N THR B 134 -18.86 12.33 2.32
CA THR B 134 -17.47 12.19 1.93
C THR B 134 -17.21 10.74 1.53
N ARG B 135 -16.16 10.49 0.76
CA ARG B 135 -15.87 9.11 0.33
C ARG B 135 -15.61 8.24 1.54
N LYS B 136 -14.74 8.71 2.42
CA LYS B 136 -14.42 7.93 3.60
C LYS B 136 -15.66 7.74 4.46
N LEU B 137 -16.45 8.78 4.67
CA LEU B 137 -17.62 8.62 5.51
C LEU B 137 -18.51 7.53 4.95
N ALA B 138 -18.81 7.60 3.65
CA ALA B 138 -19.60 6.54 3.00
C ALA B 138 -18.98 5.21 3.36
N GLN B 139 -17.65 5.13 3.21
CA GLN B 139 -16.95 3.89 3.42
C GLN B 139 -17.13 3.38 4.85
N GLU B 140 -17.04 4.28 5.83
CA GLU B 140 -17.23 3.89 7.21
C GLU B 140 -18.65 3.38 7.48
N TYR B 141 -19.62 3.94 6.77
CA TYR B 141 -20.99 3.44 6.91
C TYR B 141 -21.01 1.97 6.52
N ILE B 142 -20.68 1.71 5.27
CA ILE B 142 -20.64 0.34 4.77
C ILE B 142 -19.89 -0.59 5.71
N LEU B 143 -18.60 -0.34 5.91
CA LEU B 143 -17.81 -1.20 6.79
C LEU B 143 -18.56 -1.56 8.07
N HIS B 144 -19.08 -0.55 8.76
CA HIS B 144 -19.81 -0.73 10.00
C HIS B 144 -21.08 -1.54 9.78
N TYR B 145 -22.05 -0.94 9.10
CA TYR B 145 -23.34 -1.60 8.91
C TYR B 145 -23.25 -2.93 8.18
N ARG B 146 -22.44 -3.00 7.13
CA ARG B 146 -22.23 -4.24 6.39
C ARG B 146 -21.83 -5.37 7.32
N ALA B 147 -20.98 -5.06 8.30
CA ALA B 147 -20.57 -6.05 9.27
C ALA B 147 -21.61 -6.20 10.39
N GLY B 148 -22.85 -5.84 10.09
CA GLY B 148 -23.98 -6.07 10.98
C GLY B 148 -24.03 -5.30 12.28
N ASN B 149 -23.22 -4.25 12.40
CA ASN B 149 -23.22 -3.44 13.61
C ASN B 149 -24.30 -2.38 13.56
N SER B 150 -24.71 -1.91 14.75
CA SER B 150 -25.90 -1.09 14.88
C SER B 150 -25.54 0.19 15.65
N VAL B 151 -26.27 0.45 16.73
CA VAL B 151 -25.99 1.60 17.59
C VAL B 151 -24.56 1.61 18.15
N VAL B 152 -23.93 2.78 18.10
CA VAL B 152 -22.63 3.02 18.76
C VAL B 152 -22.83 3.56 20.16
N THR B 153 -22.31 2.84 21.16
CA THR B 153 -22.56 3.22 22.55
C THR B 153 -21.98 4.59 22.87
N SER B 154 -22.80 5.44 23.48
CA SER B 154 -22.40 6.81 23.78
C SER B 154 -21.28 6.83 24.81
N GLN B 155 -20.74 8.02 25.06
CA GLN B 155 -19.80 8.20 26.16
C GLN B 155 -20.52 8.39 27.50
N MET B 156 -21.68 9.05 27.47
CA MET B 156 -22.48 9.22 28.67
C MET B 156 -22.70 7.90 29.37
N TYR B 157 -23.12 6.90 28.62
CA TYR B 157 -23.38 5.58 29.20
C TYR B 157 -22.17 5.05 29.95
N ALA B 158 -21.04 4.97 29.26
CA ALA B 158 -19.81 4.48 29.87
C ALA B 158 -19.41 5.23 31.16
N LYS B 159 -20.05 6.38 31.41
CA LYS B 159 -19.71 7.21 32.58
C LYS B 159 -20.48 6.86 33.87
N LEU B 160 -21.65 6.25 33.73
CA LEU B 160 -22.43 5.91 34.91
C LEU B 160 -22.11 4.52 35.47
N THR B 161 -22.54 4.28 36.71
CA THR B 161 -22.14 3.09 37.48
C THR B 161 -22.80 1.81 36.96
N LYS B 162 -22.20 0.66 37.27
CA LYS B 162 -22.71 -0.61 36.75
C LYS B 162 -24.19 -0.80 37.02
N ARG B 163 -24.62 -0.49 38.25
CA ARG B 163 -26.04 -0.53 38.59
C ARG B 163 -26.84 0.27 37.57
N GLU B 164 -26.49 1.54 37.43
CA GLU B 164 -27.21 2.46 36.55
C GLU B 164 -27.17 2.01 35.10
N GLN B 165 -26.04 1.46 34.68
CA GLN B 165 -25.92 0.89 33.34
C GLN B 165 -26.93 -0.23 33.14
N GLN B 166 -26.91 -1.22 34.03
CA GLN B 166 -27.80 -2.36 33.92
C GLN B 166 -29.26 -1.92 33.84
N ILE B 167 -29.62 -0.93 34.64
CA ILE B 167 -31.00 -0.45 34.70
C ILE B 167 -31.37 0.28 33.41
N ILE B 168 -30.45 1.08 32.90
CA ILE B 168 -30.69 1.81 31.66
C ILE B 168 -30.78 0.85 30.49
N LYS B 169 -29.79 -0.03 30.35
CA LYS B 169 -29.77 -1.00 29.26
C LYS B 169 -31.09 -1.72 29.10
N LEU B 170 -31.71 -2.03 30.23
CA LEU B 170 -32.99 -2.74 30.22
C LEU B 170 -34.12 -1.81 29.80
N LEU B 171 -34.06 -0.57 30.26
CA LEU B 171 -35.02 0.45 29.88
C LEU B 171 -34.97 0.65 28.36
N GLY B 172 -33.75 0.63 27.82
CA GLY B 172 -33.50 0.74 26.38
C GLY B 172 -33.71 -0.56 25.64
N SER B 173 -34.54 -1.40 26.21
CA SER B 173 -35.07 -2.59 25.56
C SER B 173 -36.58 -2.48 25.72
N GLY B 174 -37.00 -1.51 26.52
CA GLY B 174 -38.40 -1.18 26.71
C GLY B 174 -39.04 -1.88 27.88
N ALA B 175 -38.23 -2.38 28.80
CA ALA B 175 -38.76 -3.07 29.98
C ALA B 175 -39.50 -2.08 30.87
N SER B 176 -40.39 -2.62 31.71
CA SER B 176 -41.13 -1.82 32.68
C SER B 176 -40.26 -1.51 33.88
N ASN B 177 -40.75 -0.65 34.78
CA ASN B 177 -40.09 -0.42 36.06
C ASN B 177 -39.99 -1.71 36.86
N ILE B 178 -41.13 -2.35 37.09
CA ILE B 178 -41.20 -3.57 37.87
C ILE B 178 -40.50 -4.74 37.18
N GLU B 179 -40.58 -4.79 35.86
CA GLU B 179 -39.85 -5.79 35.09
C GLU B 179 -38.34 -5.68 35.34
N ILE B 180 -37.88 -4.45 35.55
CA ILE B 180 -36.45 -4.19 35.78
C ILE B 180 -36.04 -4.55 37.20
N ALA B 181 -36.82 -4.11 38.19
CA ALA B 181 -36.58 -4.50 39.55
C ALA B 181 -36.52 -6.02 39.65
N ASP B 182 -37.30 -6.70 38.83
CA ASP B 182 -37.42 -8.16 38.91
C ASP B 182 -36.27 -8.90 38.24
N LYS B 183 -35.65 -8.30 37.23
CA LYS B 183 -34.52 -8.96 36.59
C LYS B 183 -33.25 -8.77 37.42
N LEU B 184 -33.20 -7.67 38.17
CA LEU B 184 -32.04 -7.35 38.99
C LEU B 184 -32.27 -7.75 40.45
N PHE B 185 -33.40 -8.39 40.73
CA PHE B 185 -33.77 -8.77 42.09
C PHE B 185 -33.62 -7.59 43.06
N VAL B 186 -34.33 -6.51 42.77
CA VAL B 186 -34.25 -5.29 43.57
C VAL B 186 -35.65 -4.74 43.83
N SER B 187 -35.76 -3.88 44.85
CA SER B 187 -37.01 -3.18 45.15
C SER B 187 -37.46 -2.31 43.97
N GLU B 188 -38.78 -2.27 43.73
CA GLU B 188 -39.32 -1.48 42.62
C GLU B 188 -39.04 0.01 42.79
N ASN B 189 -39.03 0.47 44.03
CA ASN B 189 -38.77 1.88 44.30
C ASN B 189 -37.28 2.19 44.32
N THR B 190 -36.46 1.13 44.29
CA THR B 190 -35.01 1.29 44.20
C THR B 190 -34.59 1.67 42.78
N VAL B 191 -35.08 0.89 41.81
CA VAL B 191 -34.83 1.18 40.40
C VAL B 191 -35.35 2.57 40.05
N LYS B 192 -36.52 2.91 40.56
CA LYS B 192 -37.09 4.23 40.34
C LYS B 192 -36.12 5.32 40.80
N THR B 193 -35.38 5.03 41.87
CA THR B 193 -34.48 6.02 42.45
C THR B 193 -33.16 6.17 41.72
N HIS B 194 -32.71 5.08 41.10
CA HIS B 194 -31.52 5.13 40.27
C HIS B 194 -31.82 5.92 38.99
N LEU B 195 -32.95 5.58 38.37
CA LEU B 195 -33.36 6.25 37.15
C LEU B 195 -33.28 7.75 37.32
N HIS B 196 -33.78 8.26 38.45
CA HIS B 196 -33.75 9.68 38.71
C HIS B 196 -32.32 10.22 38.71
N ASN B 197 -31.40 9.42 39.22
CA ASN B 197 -30.00 9.83 39.26
C ASN B 197 -29.45 9.84 37.84
N VAL B 198 -29.95 8.90 37.05
CA VAL B 198 -29.55 8.76 35.65
C VAL B 198 -30.09 9.92 34.80
N PHE B 199 -31.38 10.21 34.95
CA PHE B 199 -32.02 11.26 34.17
C PHE B 199 -31.24 12.56 34.28
N LYS B 200 -30.53 12.72 35.38
CA LYS B 200 -29.80 13.96 35.62
C LYS B 200 -28.55 13.97 34.73
N LYS B 201 -27.78 12.88 34.78
CA LYS B 201 -26.57 12.72 33.97
C LYS B 201 -26.90 12.74 32.48
N ILE B 202 -27.84 11.87 32.10
CA ILE B 202 -28.33 11.77 30.72
C ILE B 202 -28.97 13.06 30.22
N ASN B 203 -29.66 13.76 31.12
CA ASN B 203 -30.45 14.96 30.79
C ASN B 203 -31.89 14.70 30.35
N ALA B 204 -32.48 13.59 30.82
CA ALA B 204 -33.86 13.27 30.48
C ALA B 204 -34.88 13.98 31.38
N LYS B 205 -35.75 14.77 30.76
CA LYS B 205 -36.79 15.48 31.52
C LYS B 205 -37.71 14.45 32.16
N ASN B 206 -37.77 13.27 31.55
CA ASN B 206 -38.64 12.21 32.05
C ASN B 206 -38.19 10.82 31.61
N ARG B 207 -39.05 9.84 31.81
CA ARG B 207 -38.74 8.44 31.48
C ARG B 207 -38.78 8.19 29.97
N LEU B 208 -39.78 8.76 29.29
CA LEU B 208 -39.89 8.65 27.84
C LEU B 208 -38.62 9.15 27.13
N GLN B 209 -38.16 10.35 27.48
CA GLN B 209 -36.90 10.87 26.94
C GLN B 209 -35.82 9.85 27.22
N ALA B 210 -35.75 9.42 28.47
CA ALA B 210 -34.75 8.47 28.89
C ALA B 210 -34.69 7.23 27.99
N LEU B 211 -35.83 6.59 27.77
CA LEU B 211 -35.80 5.35 27.01
C LEU B 211 -35.57 5.59 25.52
N ILE B 212 -35.98 6.76 25.02
CA ILE B 212 -35.68 7.12 23.64
C ILE B 212 -34.19 7.35 23.52
N TRP B 213 -33.59 7.77 24.63
CA TRP B 213 -32.16 7.93 24.71
C TRP B 213 -31.46 6.58 24.61
N ALA B 214 -31.82 5.68 25.52
CA ALA B 214 -31.23 4.35 25.56
C ALA B 214 -31.27 3.66 24.20
N LYS B 215 -32.37 3.81 23.49
CA LYS B 215 -32.49 3.19 22.18
C LYS B 215 -31.42 3.67 21.21
N ASN B 216 -31.08 4.95 21.29
CA ASN B 216 -30.21 5.57 20.32
C ASN B 216 -28.77 5.70 20.83
N ASN B 217 -28.57 5.34 22.09
CA ASN B 217 -27.27 5.56 22.73
C ASN B 217 -26.65 4.35 23.43
N ILE B 218 -27.41 3.27 23.60
CA ILE B 218 -26.92 2.17 24.42
C ILE B 218 -26.94 0.77 23.78
N GLY B 219 -27.02 0.70 22.46
CA GLY B 219 -26.72 -0.56 21.80
C GLY B 219 -25.24 -0.77 22.03
N ILE B 220 -24.75 -2.01 21.97
CA ILE B 220 -25.53 -3.21 21.65
C ILE B 220 -26.00 -3.93 22.92
N GLU C 5 -1.18 9.08 7.63
CA GLU C 5 0.26 8.87 7.51
C GLU C 5 0.58 7.44 7.12
N ASN C 6 -0.36 6.77 6.44
CA ASN C 6 -0.10 5.46 5.86
C ASN C 6 0.63 5.62 4.53
N LYS C 7 0.74 6.87 4.08
CA LYS C 7 1.38 7.20 2.80
C LYS C 7 2.85 7.53 2.96
N LEU C 8 3.61 7.35 1.88
CA LEU C 8 5.01 7.70 1.88
C LEU C 8 5.15 9.21 1.86
N ASN C 9 5.97 9.76 2.74
CA ASN C 9 6.24 11.20 2.75
C ASN C 9 7.26 11.55 1.68
N VAL C 10 6.78 12.14 0.59
CA VAL C 10 7.65 12.49 -0.52
C VAL C 10 7.75 13.99 -0.71
N ARG C 11 8.97 14.49 -0.79
CA ARG C 11 9.20 15.90 -1.08
C ARG C 11 9.85 16.06 -2.46
N MET C 12 9.13 16.70 -3.37
CA MET C 12 9.67 16.96 -4.69
C MET C 12 10.36 18.33 -4.74
N LEU C 13 11.62 18.30 -5.17
CA LEU C 13 12.39 19.51 -5.36
C LEU C 13 12.21 20.02 -6.79
N SER C 14 11.31 20.97 -6.92
CA SER C 14 11.06 21.64 -8.19
C SER C 14 10.45 22.99 -7.89
N ASP C 15 10.17 23.79 -8.91
CA ASP C 15 9.44 25.03 -8.70
C ASP C 15 7.95 24.68 -8.60
N VAL C 16 7.12 25.58 -8.09
CA VAL C 16 5.68 25.33 -8.11
C VAL C 16 5.03 26.04 -9.31
N CYS C 17 4.06 25.36 -9.92
CA CYS C 17 3.46 25.84 -11.16
C CYS C 17 2.47 24.80 -11.72
N MET C 18 1.68 25.21 -12.72
CA MET C 18 0.82 24.27 -13.45
C MET C 18 1.41 22.87 -13.55
N GLN C 19 2.59 22.77 -14.17
CA GLN C 19 3.21 21.48 -14.45
C GLN C 19 3.54 20.67 -13.20
N SER C 20 4.14 21.32 -12.21
CA SER C 20 4.50 20.64 -10.96
C SER C 20 3.26 20.09 -10.24
N ARG C 21 2.26 20.94 -10.05
CA ARG C 21 1.03 20.50 -9.41
C ARG C 21 0.30 19.41 -10.19
N LEU C 22 0.45 19.40 -11.51
CA LEU C 22 -0.14 18.36 -12.33
C LEU C 22 0.59 17.04 -12.13
N LEU C 23 1.90 17.12 -12.00
CA LEU C 23 2.73 15.96 -11.71
C LEU C 23 2.39 15.45 -10.31
N LYS C 24 2.33 16.36 -9.34
CA LYS C 24 2.05 15.99 -7.97
C LYS C 24 0.79 15.15 -7.87
N GLU C 25 -0.27 15.55 -8.54
CA GLU C 25 -1.51 14.78 -8.44
C GLU C 25 -1.50 13.54 -9.32
N ALA C 26 -0.78 13.59 -10.43
CA ALA C 26 -0.59 12.39 -11.24
C ALA C 26 0.05 11.27 -10.40
N LEU C 27 1.00 11.64 -9.54
CA LEU C 27 1.66 10.65 -8.69
C LEU C 27 0.77 10.18 -7.54
N GLU C 28 0.14 11.14 -6.85
CA GLU C 28 -0.71 10.80 -5.72
C GLU C 28 -1.88 9.91 -6.15
N SER C 29 -2.33 10.10 -7.39
CA SER C 29 -3.38 9.28 -8.01
C SER C 29 -3.07 7.79 -8.02
N LYS C 30 -1.87 7.45 -8.46
CA LYS C 30 -1.54 6.06 -8.80
C LYS C 30 -0.59 5.36 -7.82
N LEU C 31 -0.10 6.10 -6.82
CA LEU C 31 0.83 5.52 -5.85
C LEU C 31 0.49 5.95 -4.41
N PRO C 32 0.88 5.14 -3.42
CA PRO C 32 0.54 5.39 -2.01
C PRO C 32 1.44 6.45 -1.37
N LEU C 33 1.49 7.64 -1.98
CA LEU C 33 2.40 8.67 -1.49
C LEU C 33 1.75 10.04 -1.34
N ALA C 34 2.33 10.85 -0.46
CA ALA C 34 1.82 12.18 -0.15
C ALA C 34 2.90 13.22 -0.46
N LEU C 35 2.84 13.78 -1.67
CA LEU C 35 3.91 14.64 -2.16
C LEU C 35 3.68 16.12 -1.82
N GLU C 36 4.72 16.77 -1.32
CA GLU C 36 4.76 18.23 -1.17
C GLU C 36 5.86 18.82 -2.06
N ILE C 37 5.62 19.99 -2.63
CA ILE C 37 6.58 20.59 -3.54
C ILE C 37 7.36 21.72 -2.90
N THR C 38 8.69 21.59 -2.92
CA THR C 38 9.56 22.61 -2.35
C THR C 38 10.63 23.01 -3.36
N PRO C 39 10.73 24.32 -3.66
CA PRO C 39 11.72 24.83 -4.60
C PRO C 39 13.13 24.72 -4.03
N PHE C 40 14.13 24.48 -4.87
CA PHE C 40 15.51 24.38 -4.41
C PHE C 40 15.94 25.61 -3.62
N SER C 41 15.55 26.78 -4.11
CA SER C 41 15.92 28.06 -3.49
C SER C 41 15.40 28.19 -2.06
N GLU C 42 14.38 27.42 -1.73
CA GLU C 42 13.71 27.56 -0.44
C GLU C 42 14.09 26.43 0.51
N LEU C 43 14.88 25.50 0.00
CA LEU C 43 15.27 24.31 0.74
C LEU C 43 15.87 24.68 2.10
N TRP C 44 16.74 25.68 2.10
CA TRP C 44 17.48 26.06 3.30
C TRP C 44 16.57 26.40 4.49
N LEU C 45 15.32 26.74 4.18
CA LEU C 45 14.35 27.13 5.21
C LEU C 45 13.77 25.91 5.93
N GLU C 46 13.82 24.77 5.24
CA GLU C 46 13.21 23.56 5.74
C GLU C 46 14.17 22.78 6.63
N GLU C 47 15.46 23.04 6.47
CA GLU C 47 16.51 22.29 7.16
C GLU C 47 16.19 22.00 8.63
N ASN C 48 15.64 22.99 9.31
CA ASN C 48 15.41 22.87 10.75
C ASN C 48 13.95 22.68 11.17
N LYS C 49 13.04 22.57 10.20
CA LYS C 49 11.65 22.28 10.50
C LYS C 49 11.53 20.85 10.99
N PRO C 50 10.69 20.62 12.00
CA PRO C 50 10.44 19.29 12.57
C PRO C 50 9.77 18.35 11.57
N GLU C 51 8.86 18.88 10.75
CA GLU C 51 8.14 18.07 9.76
C GLU C 51 9.07 17.47 8.71
N SER C 52 10.23 18.10 8.53
CA SER C 52 11.19 17.69 7.51
C SER C 52 11.87 16.36 7.83
N ARG C 53 11.97 16.03 9.11
CA ARG C 53 12.59 14.78 9.51
C ARG C 53 11.78 13.57 9.05
N SER C 54 10.52 13.82 8.67
CA SER C 54 9.60 12.76 8.29
C SER C 54 9.62 12.40 6.80
N ILE C 55 10.34 13.20 6.00
CA ILE C 55 10.53 12.88 4.59
C ILE C 55 11.24 11.54 4.43
N GLN C 56 10.74 10.71 3.51
CA GLN C 56 11.27 9.38 3.28
C GLN C 56 11.77 9.29 1.83
N MET C 57 11.38 10.26 1.01
CA MET C 57 11.80 10.31 -0.39
C MET C 57 11.91 11.75 -0.90
N LEU C 58 13.00 12.03 -1.60
CA LEU C 58 13.16 13.30 -2.27
C LEU C 58 13.12 13.05 -3.76
N VAL C 59 12.14 13.65 -4.45
CA VAL C 59 12.12 13.63 -5.91
C VAL C 59 12.82 14.86 -6.44
N ILE C 60 14.00 14.65 -7.04
CA ILE C 60 14.87 15.74 -7.47
C ILE C 60 14.66 16.04 -8.94
N ASP C 61 14.22 17.26 -9.23
CA ASP C 61 13.95 17.70 -10.60
C ASP C 61 15.18 18.30 -11.28
N TYR C 62 15.92 17.47 -12.02
CA TYR C 62 17.24 17.84 -12.52
C TYR C 62 17.22 19.05 -13.45
N SER C 63 16.05 19.36 -14.00
CA SER C 63 15.92 20.50 -14.90
C SER C 63 15.91 21.84 -14.14
N ARG C 64 15.62 21.77 -12.85
CA ARG C 64 15.60 22.97 -12.00
C ARG C 64 16.79 23.00 -11.04
N ILE C 65 17.83 22.24 -11.34
CA ILE C 65 18.98 22.16 -10.44
C ILE C 65 20.19 22.98 -10.93
N SER C 66 20.89 23.59 -9.98
CA SER C 66 22.09 24.39 -10.28
C SER C 66 23.10 24.28 -9.15
N ASP C 67 24.33 24.68 -9.41
CA ASP C 67 25.43 24.42 -8.48
C ASP C 67 25.36 25.16 -7.14
N ASP C 68 24.72 26.33 -7.11
CA ASP C 68 24.65 27.09 -5.86
C ASP C 68 23.67 26.48 -4.83
N VAL C 69 22.71 25.69 -5.28
CA VAL C 69 21.77 25.05 -4.36
C VAL C 69 22.29 23.72 -3.79
N LEU C 70 23.40 23.22 -4.32
CA LEU C 70 23.92 21.90 -3.93
C LEU C 70 24.45 21.79 -2.50
N THR C 71 25.03 22.86 -1.98
CA THR C 71 25.49 22.82 -0.60
C THR C 71 24.29 22.82 0.32
N ASP C 72 23.27 23.59 -0.06
CA ASP C 72 22.03 23.67 0.70
C ASP C 72 21.34 22.31 0.72
N TYR C 73 21.30 21.64 -0.43
CA TYR C 73 20.76 20.29 -0.49
C TYR C 73 21.54 19.34 0.43
N SER C 74 22.85 19.31 0.26
CA SER C 74 23.68 18.33 0.96
C SER C 74 23.55 18.43 2.48
N SER C 75 23.41 19.66 2.99
CA SER C 75 23.28 19.86 4.43
C SER C 75 21.84 19.64 4.89
N PHE C 76 20.89 19.90 3.98
CA PHE C 76 19.48 19.62 4.25
C PHE C 76 19.28 18.12 4.40
N LYS C 77 19.86 17.36 3.49
CA LYS C 77 19.71 15.91 3.50
C LYS C 77 20.35 15.32 4.77
N HIS C 78 21.58 15.70 5.04
CA HIS C 78 22.29 15.19 6.21
C HIS C 78 21.56 15.53 7.51
N ILE C 79 20.96 16.72 7.55
CA ILE C 79 20.34 17.18 8.79
C ILE C 79 18.98 16.54 9.06
N SER C 80 18.02 16.77 8.18
CA SER C 80 16.64 16.34 8.43
C SER C 80 16.34 14.91 8.00
N CYS C 81 16.84 14.50 6.84
CA CYS C 81 16.47 13.20 6.28
C CYS C 81 17.62 12.46 5.61
N PRO C 82 18.63 12.06 6.40
CA PRO C 82 19.80 11.38 5.84
C PRO C 82 19.44 10.03 5.20
N ASP C 83 18.39 9.39 5.69
CA ASP C 83 18.02 8.04 5.21
C ASP C 83 17.04 8.05 4.04
N ALA C 84 16.46 9.20 3.74
CA ALA C 84 15.49 9.30 2.66
C ALA C 84 16.09 8.84 1.34
N LYS C 85 15.28 8.12 0.55
CA LYS C 85 15.69 7.72 -0.77
C LYS C 85 15.75 8.94 -1.66
N GLU C 86 16.50 8.85 -2.75
CA GLU C 86 16.56 9.93 -3.73
C GLU C 86 16.20 9.42 -5.12
N VAL C 87 15.26 10.10 -5.78
CA VAL C 87 14.85 9.76 -7.12
C VAL C 87 14.95 11.02 -7.94
N ILE C 88 15.64 10.96 -9.08
CA ILE C 88 15.76 12.14 -9.91
C ILE C 88 14.91 12.01 -11.17
N ILE C 89 14.22 13.10 -11.52
CA ILE C 89 13.41 13.13 -12.74
C ILE C 89 13.97 14.21 -13.67
N ASN C 90 13.67 14.08 -14.96
CA ASN C 90 14.11 15.02 -15.99
C ASN C 90 15.63 15.05 -16.21
N CYS C 91 16.27 13.90 -16.00
CA CYS C 91 17.70 13.73 -16.22
C CYS C 91 18.03 13.72 -17.72
N PRO C 92 19.17 14.32 -18.11
CA PRO C 92 19.61 14.23 -19.51
C PRO C 92 19.99 12.78 -19.87
N GLN C 93 19.84 12.36 -21.13
CA GLN C 93 20.31 11.04 -21.55
C GLN C 93 21.82 11.03 -21.46
N ASP C 94 22.40 12.06 -22.03
CA ASP C 94 23.84 12.25 -22.11
C ASP C 94 24.44 12.69 -20.77
N ILE C 95 24.21 11.93 -19.71
CA ILE C 95 24.62 12.37 -18.38
C ILE C 95 25.72 11.46 -17.81
N GLU C 96 26.74 12.06 -17.21
CA GLU C 96 27.90 11.32 -16.74
C GLU C 96 27.58 10.53 -15.46
N HIS C 97 27.67 9.21 -15.57
CA HIS C 97 27.35 8.32 -14.46
C HIS C 97 28.00 8.77 -13.15
N LYS C 98 29.25 9.21 -13.23
CA LYS C 98 30.00 9.59 -12.03
C LYS C 98 29.40 10.77 -11.27
N LEU C 99 28.62 11.60 -11.99
CA LEU C 99 27.97 12.76 -11.38
C LEU C 99 26.78 12.36 -10.53
N LEU C 100 26.11 11.27 -10.91
CA LEU C 100 24.98 10.76 -10.18
C LEU C 100 25.34 10.22 -8.78
N PHE C 101 26.63 9.92 -8.56
CA PHE C 101 27.07 9.33 -7.30
C PHE C 101 26.98 10.28 -6.11
N LYS C 102 26.85 11.58 -6.37
CA LYS C 102 26.79 12.55 -5.26
C LYS C 102 25.50 12.37 -4.46
N TRP C 103 24.50 11.76 -5.10
CA TRP C 103 23.26 11.37 -4.44
C TRP C 103 23.49 10.03 -3.73
N ASN C 104 23.69 10.09 -2.43
CA ASN C 104 24.10 8.91 -1.66
C ASN C 104 23.04 7.81 -1.60
N ASN C 105 21.77 8.22 -1.62
CA ASN C 105 20.68 7.27 -1.54
C ASN C 105 19.92 7.12 -2.85
N LEU C 106 20.61 7.34 -3.96
CA LEU C 106 20.00 7.26 -5.28
C LEU C 106 19.29 5.91 -5.51
N ALA C 107 17.98 5.95 -5.70
CA ALA C 107 17.18 4.73 -5.88
C ALA C 107 16.74 4.57 -7.32
N GLY C 108 16.55 5.69 -8.01
CA GLY C 108 16.05 5.66 -9.37
C GLY C 108 16.27 6.94 -10.15
N VAL C 109 16.45 6.78 -11.46
CA VAL C 109 16.61 7.91 -12.36
C VAL C 109 15.55 7.85 -13.47
N PHE C 110 14.82 8.95 -13.63
CA PHE C 110 13.88 9.08 -14.73
C PHE C 110 14.37 10.18 -15.67
N TYR C 111 14.29 9.94 -16.96
CA TYR C 111 14.93 10.81 -17.95
C TYR C 111 14.02 11.86 -18.56
N ILE C 112 14.64 12.90 -19.13
CA ILE C 112 13.93 14.05 -19.68
C ILE C 112 12.82 13.67 -20.67
N ASP C 113 12.93 12.51 -21.30
CA ASP C 113 11.95 12.11 -22.29
C ASP C 113 11.21 10.79 -21.96
N ASP C 114 11.04 10.53 -20.67
CA ASP C 114 10.17 9.45 -20.23
C ASP C 114 8.69 9.86 -20.28
N ASP C 115 7.81 8.89 -20.52
CA ASP C 115 6.37 9.13 -20.44
C ASP C 115 5.86 8.71 -19.08
N MET C 116 4.56 8.84 -18.85
CA MET C 116 4.01 8.60 -17.52
C MET C 116 3.90 7.12 -17.18
N ASP C 117 3.73 6.27 -18.19
CA ASP C 117 3.76 4.84 -17.96
C ASP C 117 5.05 4.46 -17.25
N THR C 118 6.18 4.89 -17.79
CA THR C 118 7.48 4.56 -17.21
C THR C 118 7.64 5.14 -15.80
N LEU C 119 7.24 6.40 -15.59
CA LEU C 119 7.37 7.00 -14.27
C LEU C 119 6.58 6.25 -13.18
N ILE C 120 5.40 5.75 -13.51
CA ILE C 120 4.53 5.09 -12.54
C ILE C 120 5.03 3.68 -12.30
N LYS C 121 5.40 2.99 -13.38
CA LYS C 121 5.98 1.66 -13.27
C LYS C 121 7.24 1.71 -12.39
N GLY C 122 8.19 2.57 -12.75
CA GLY C 122 9.41 2.70 -11.99
C GLY C 122 9.17 3.12 -10.56
N MET C 123 8.31 4.13 -10.37
CA MET C 123 8.04 4.62 -9.03
C MET C 123 7.43 3.54 -8.15
N SER C 124 6.56 2.73 -8.73
CA SER C 124 5.92 1.66 -7.97
C SER C 124 6.93 0.59 -7.56
N LYS C 125 7.96 0.41 -8.39
CA LYS C 125 9.00 -0.57 -8.10
C LYS C 125 9.90 -0.06 -6.97
N ILE C 126 10.33 1.19 -7.10
CA ILE C 126 11.08 1.84 -6.03
C ILE C 126 10.33 1.78 -4.71
N LEU C 127 9.03 2.08 -4.70
CA LEU C 127 8.26 2.00 -3.46
C LEU C 127 8.26 0.59 -2.85
N GLN C 128 8.44 -0.42 -3.70
CA GLN C 128 8.62 -1.80 -3.22
C GLN C 128 10.07 -2.13 -2.88
N ASP C 129 10.90 -1.09 -2.76
CA ASP C 129 12.34 -1.22 -2.43
C ASP C 129 13.17 -1.84 -3.54
N GLU C 130 12.70 -1.72 -4.78
CA GLU C 130 13.52 -2.05 -5.94
C GLU C 130 14.23 -0.78 -6.44
N MET C 131 15.21 -0.93 -7.31
CA MET C 131 15.88 0.22 -7.91
C MET C 131 15.48 0.41 -9.35
N TRP C 132 15.39 1.66 -9.78
CA TRP C 132 15.07 1.97 -11.16
C TRP C 132 16.27 2.60 -11.87
N LEU C 133 17.38 1.89 -11.88
CA LEU C 133 18.56 2.34 -12.61
C LEU C 133 18.67 1.54 -13.90
N THR C 134 19.29 2.15 -14.89
CA THR C 134 19.47 1.52 -16.18
C THR C 134 20.54 0.44 -16.06
N ARG C 135 20.67 -0.43 -17.07
CA ARG C 135 21.73 -1.45 -17.04
C ARG C 135 23.12 -0.80 -16.97
N LYS C 136 23.49 -0.07 -18.01
CA LYS C 136 24.79 0.63 -18.07
C LYS C 136 25.09 1.35 -16.77
N LEU C 137 24.14 2.13 -16.28
CA LEU C 137 24.34 2.91 -15.05
C LEU C 137 24.61 1.99 -13.86
N ALA C 138 23.88 0.87 -13.79
CA ALA C 138 24.07 -0.09 -12.72
C ALA C 138 25.51 -0.64 -12.71
N GLN C 139 25.98 -1.11 -13.87
CA GLN C 139 27.33 -1.63 -14.02
C GLN C 139 28.39 -0.61 -13.63
N GLU C 140 28.13 0.65 -13.96
CA GLU C 140 29.04 1.75 -13.68
C GLU C 140 29.14 2.01 -12.17
N TYR C 141 28.02 1.90 -11.47
CA TYR C 141 28.06 1.89 -10.01
C TYR C 141 29.02 0.78 -9.56
N ILE C 142 28.72 -0.44 -9.98
CA ILE C 142 29.46 -1.64 -9.57
C ILE C 142 30.97 -1.57 -9.82
N LEU C 143 31.38 -1.22 -11.03
CA LEU C 143 32.79 -0.96 -11.33
C LEU C 143 33.46 -0.07 -10.26
N HIS C 144 32.91 1.14 -10.07
CA HIS C 144 33.42 2.10 -9.10
C HIS C 144 33.57 1.49 -7.71
N TYR C 145 32.44 1.21 -7.06
CA TYR C 145 32.45 0.71 -5.68
C TYR C 145 33.21 -0.60 -5.46
N ARG C 146 33.10 -1.54 -6.41
CA ARG C 146 33.88 -2.77 -6.33
C ARG C 146 35.37 -2.46 -6.57
N ALA C 147 35.65 -1.57 -7.51
CA ALA C 147 37.01 -1.05 -7.62
C ALA C 147 37.50 -0.72 -6.20
N GLY C 148 36.67 -0.03 -5.43
CA GLY C 148 36.99 0.31 -4.05
C GLY C 148 36.83 1.80 -3.78
N ASN C 149 36.49 2.55 -4.81
CA ASN C 149 36.31 4.01 -4.69
C ASN C 149 35.00 4.35 -3.99
N SER C 150 34.95 5.49 -3.32
CA SER C 150 33.75 5.89 -2.59
C SER C 150 33.21 7.26 -3.03
N VAL C 151 34.06 8.28 -3.01
CA VAL C 151 33.64 9.62 -3.39
C VAL C 151 34.33 10.12 -4.67
N VAL C 152 33.57 10.83 -5.49
CA VAL C 152 34.11 11.47 -6.68
C VAL C 152 34.30 12.96 -6.40
N THR C 153 35.50 13.46 -6.64
CA THR C 153 35.86 14.82 -6.23
C THR C 153 35.25 15.90 -7.14
N SER C 154 34.71 16.95 -6.51
CA SER C 154 34.02 18.02 -7.23
C SER C 154 34.96 18.92 -8.02
N GLN C 155 34.38 19.88 -8.74
CA GLN C 155 35.16 20.79 -9.56
C GLN C 155 35.62 22.01 -8.75
N MET C 156 34.75 22.50 -7.89
CA MET C 156 35.02 23.71 -7.10
C MET C 156 36.29 23.57 -6.28
N TYR C 157 36.58 22.34 -5.86
CA TYR C 157 37.79 22.05 -5.07
C TYR C 157 39.07 22.28 -5.86
N ALA C 158 39.17 21.65 -7.02
CA ALA C 158 40.38 21.75 -7.85
C ALA C 158 40.77 23.20 -8.15
N LYS C 159 39.89 24.14 -7.85
CA LYS C 159 40.08 25.54 -8.22
C LYS C 159 40.99 26.31 -7.26
N LEU C 160 40.95 25.93 -5.99
CA LEU C 160 41.54 26.75 -4.92
C LEU C 160 43.04 26.58 -4.69
N THR C 161 43.63 27.49 -3.91
CA THR C 161 45.06 27.50 -3.64
C THR C 161 45.48 26.24 -2.87
N LYS C 162 46.77 26.14 -2.57
CA LYS C 162 47.29 24.96 -1.89
C LYS C 162 46.93 24.95 -0.40
N ARG C 163 47.02 26.11 0.25
CA ARG C 163 46.56 26.25 1.62
C ARG C 163 45.11 25.85 1.74
N GLU C 164 44.27 26.36 0.84
CA GLU C 164 42.83 26.14 0.91
C GLU C 164 42.50 24.68 0.66
N GLN C 165 43.16 24.06 -0.31
CA GLN C 165 43.01 22.63 -0.53
C GLN C 165 43.31 21.88 0.75
N GLN C 166 44.55 22.03 1.23
CA GLN C 166 45.01 21.38 2.44
C GLN C 166 44.05 21.58 3.61
N ILE C 167 43.61 22.82 3.82
CA ILE C 167 42.70 23.14 4.91
C ILE C 167 41.34 22.50 4.73
N ILE C 168 40.93 22.29 3.48
CA ILE C 168 39.63 21.70 3.21
C ILE C 168 39.65 20.18 3.39
N LYS C 169 40.61 19.51 2.78
CA LYS C 169 40.74 18.06 2.94
C LYS C 169 40.64 17.68 4.41
N LEU C 170 41.38 18.39 5.26
CA LEU C 170 41.40 18.10 6.68
C LEU C 170 40.03 18.38 7.32
N LEU C 171 39.37 19.43 6.86
CA LEU C 171 38.04 19.80 7.34
C LEU C 171 37.07 18.65 7.03
N GLY C 172 37.26 18.06 5.86
CA GLY C 172 36.42 16.96 5.39
C GLY C 172 36.79 15.63 5.99
N SER C 173 37.81 15.63 6.85
CA SER C 173 38.12 14.49 7.69
C SER C 173 37.49 14.73 9.06
N GLY C 174 36.90 15.91 9.21
CA GLY C 174 36.23 16.29 10.45
C GLY C 174 37.12 17.02 11.43
N ALA C 175 38.34 17.31 11.03
CA ALA C 175 39.33 17.95 11.90
C ALA C 175 38.86 19.29 12.46
N SER C 176 39.36 19.63 13.65
CA SER C 176 39.03 20.89 14.30
C SER C 176 39.83 22.05 13.69
N ASN C 177 39.40 23.28 13.94
CA ASN C 177 40.20 24.44 13.57
C ASN C 177 41.62 24.33 14.12
N ILE C 178 41.71 24.20 15.44
CA ILE C 178 42.99 24.02 16.11
C ILE C 178 43.72 22.76 15.62
N GLU C 179 42.97 21.71 15.30
CA GLU C 179 43.58 20.50 14.76
C GLU C 179 44.19 20.73 13.38
N ILE C 180 43.55 21.58 12.58
CA ILE C 180 44.07 21.92 11.26
C ILE C 180 45.30 22.80 11.40
N ALA C 181 45.21 23.80 12.27
CA ALA C 181 46.33 24.69 12.53
C ALA C 181 47.61 23.92 12.87
N ASP C 182 47.51 22.94 13.78
CA ASP C 182 48.68 22.19 14.22
C ASP C 182 49.30 21.29 13.14
N LYS C 183 48.46 20.77 12.26
CA LYS C 183 48.97 19.89 11.19
C LYS C 183 49.67 20.69 10.10
N LEU C 184 49.20 21.92 9.87
CA LEU C 184 49.81 22.79 8.86
C LEU C 184 50.79 23.80 9.47
N PHE C 185 51.06 23.66 10.77
CA PHE C 185 52.02 24.53 11.46
C PHE C 185 51.71 26.00 11.21
N VAL C 186 50.57 26.44 11.76
CA VAL C 186 49.99 27.73 11.43
C VAL C 186 49.09 28.19 12.59
N SER C 187 48.81 29.49 12.65
CA SER C 187 47.94 30.05 13.69
C SER C 187 46.50 29.54 13.58
N GLU C 188 45.76 29.56 14.68
CA GLU C 188 44.36 29.13 14.61
C GLU C 188 43.51 30.13 13.84
N ASN C 189 43.82 31.40 13.99
CA ASN C 189 43.15 32.45 13.22
C ASN C 189 43.47 32.35 11.73
N THR C 190 44.70 31.96 11.42
CA THR C 190 45.13 31.77 10.04
C THR C 190 44.16 30.87 9.29
N VAL C 191 43.94 29.68 9.83
CA VAL C 191 43.05 28.71 9.20
C VAL C 191 41.61 29.23 9.16
N LYS C 192 41.17 29.83 10.26
CA LYS C 192 39.84 30.40 10.33
C LYS C 192 39.62 31.37 9.18
N THR C 193 40.63 32.21 8.95
CA THR C 193 40.58 33.24 7.91
C THR C 193 40.56 32.64 6.51
N HIS C 194 41.22 31.50 6.33
CA HIS C 194 41.23 30.83 5.04
C HIS C 194 39.87 30.21 4.74
N LEU C 195 39.26 29.61 5.76
CA LEU C 195 37.97 28.95 5.61
C LEU C 195 36.91 29.93 5.13
N HIS C 196 36.92 31.13 5.70
CA HIS C 196 36.03 32.19 5.27
C HIS C 196 36.13 32.40 3.76
N ASN C 197 37.34 32.35 3.23
CA ASN C 197 37.55 32.49 1.79
C ASN C 197 37.07 31.26 1.05
N VAL C 198 37.31 30.09 1.64
CA VAL C 198 36.95 28.81 1.01
C VAL C 198 35.43 28.62 0.94
N PHE C 199 34.70 29.34 1.78
CA PHE C 199 33.24 29.27 1.74
C PHE C 199 32.69 29.96 0.48
N LYS C 200 33.58 30.16 -0.50
CA LYS C 200 33.24 30.49 -1.88
C LYS C 200 34.37 29.97 -2.80
N LYS C 201 34.02 29.32 -3.89
CA LYS C 201 32.64 29.20 -4.36
C LYS C 201 31.93 27.99 -3.74
N ILE C 202 32.59 27.30 -2.80
CA ILE C 202 31.94 26.19 -2.12
C ILE C 202 30.48 26.53 -1.95
N ASN C 203 30.22 27.76 -1.50
CA ASN C 203 28.87 28.27 -1.32
C ASN C 203 28.32 27.88 0.05
N ALA C 204 29.22 27.52 0.97
CA ALA C 204 28.83 27.12 2.31
C ALA C 204 28.43 28.33 3.15
N LYS C 205 27.20 28.31 3.67
CA LYS C 205 26.72 29.39 4.53
C LYS C 205 27.42 29.30 5.89
N ASN C 206 27.97 28.13 6.18
CA ASN C 206 28.70 27.94 7.43
C ASN C 206 29.60 26.71 7.41
N ARG C 207 30.31 26.52 8.51
CA ARG C 207 31.28 25.44 8.66
C ARG C 207 30.62 24.07 8.53
N LEU C 208 29.45 23.92 9.15
CA LEU C 208 28.70 22.67 9.09
C LEU C 208 28.47 22.28 7.63
N GLN C 209 27.90 23.21 6.85
CA GLN C 209 27.67 23.00 5.43
C GLN C 209 28.94 22.59 4.68
N ALA C 210 30.08 23.18 5.07
CA ALA C 210 31.32 22.94 4.36
C ALA C 210 31.95 21.59 4.70
N LEU C 211 31.86 21.17 5.96
CA LEU C 211 32.39 19.86 6.35
C LEU C 211 31.42 18.77 5.92
N ILE C 212 30.19 19.19 5.59
CA ILE C 212 29.19 18.29 5.03
C ILE C 212 29.33 18.27 3.50
N TRP C 213 29.89 19.35 2.96
CA TRP C 213 30.22 19.44 1.54
C TRP C 213 31.47 18.62 1.29
N ALA C 214 32.40 18.71 2.23
CA ALA C 214 33.68 18.05 2.11
C ALA C 214 33.53 16.53 2.20
N LYS C 215 32.85 16.04 3.23
CA LYS C 215 32.62 14.62 3.42
C LYS C 215 31.96 13.98 2.19
N ASN C 216 31.19 14.78 1.45
CA ASN C 216 30.46 14.30 0.27
C ASN C 216 31.16 14.66 -1.04
N ASN C 217 32.22 15.45 -0.95
CA ASN C 217 33.01 15.85 -2.11
C ASN C 217 34.48 16.02 -1.75
N GLU D 5 46.26 -15.14 -30.86
CA GLU D 5 45.32 -14.28 -30.15
C GLU D 5 44.09 -13.95 -31.02
N ASN D 6 43.68 -12.69 -31.01
CA ASN D 6 42.52 -12.26 -31.77
C ASN D 6 41.30 -13.14 -31.48
N LYS D 7 41.30 -13.72 -30.30
CA LYS D 7 40.28 -14.66 -29.87
C LYS D 7 40.41 -14.77 -28.35
N LEU D 8 39.38 -14.35 -27.62
CA LEU D 8 39.46 -14.25 -26.16
C LEU D 8 39.87 -15.58 -25.50
N ASN D 9 40.77 -15.49 -24.52
CA ASN D 9 41.28 -16.66 -23.81
C ASN D 9 40.35 -17.07 -22.68
N VAL D 10 39.50 -18.07 -22.93
CA VAL D 10 38.47 -18.45 -21.97
C VAL D 10 38.73 -19.84 -21.38
N ARG D 11 38.66 -19.93 -20.06
CA ARG D 11 38.87 -21.20 -19.35
C ARG D 11 37.61 -21.59 -18.57
N MET D 12 37.02 -22.72 -18.95
CA MET D 12 35.86 -23.23 -18.26
C MET D 12 36.22 -24.21 -17.17
N LEU D 13 35.73 -23.94 -15.97
CA LEU D 13 35.94 -24.78 -14.82
C LEU D 13 34.74 -25.70 -14.73
N SER D 14 34.82 -26.81 -15.44
CA SER D 14 33.76 -27.78 -15.51
C SER D 14 34.48 -29.10 -15.75
N ASP D 15 33.83 -30.23 -15.49
CA ASP D 15 34.47 -31.51 -15.76
C ASP D 15 34.33 -31.90 -17.25
N VAL D 16 35.38 -32.43 -17.84
CA VAL D 16 35.35 -32.71 -19.27
C VAL D 16 34.47 -33.93 -19.57
N CYS D 17 33.68 -33.84 -20.64
CA CYS D 17 32.73 -34.89 -21.01
C CYS D 17 31.92 -34.48 -22.22
N MET D 18 31.04 -35.37 -22.69
CA MET D 18 30.18 -35.07 -23.84
C MET D 18 29.55 -33.67 -23.74
N GLN D 19 28.76 -33.47 -22.68
CA GLN D 19 27.97 -32.27 -22.57
C GLN D 19 28.85 -31.03 -22.55
N SER D 20 30.06 -31.18 -22.05
CA SER D 20 30.91 -30.03 -21.86
C SER D 20 31.52 -29.60 -23.18
N ARG D 21 31.97 -30.56 -23.98
CA ARG D 21 32.52 -30.23 -25.28
C ARG D 21 31.44 -29.71 -26.22
N LEU D 22 30.23 -30.23 -26.06
CA LEU D 22 29.11 -29.67 -26.80
C LEU D 22 29.09 -28.16 -26.55
N LEU D 23 28.84 -27.79 -25.29
CA LEU D 23 28.85 -26.40 -24.85
C LEU D 23 30.10 -25.64 -25.30
N LYS D 24 31.22 -26.37 -25.39
CA LYS D 24 32.46 -25.74 -25.82
C LYS D 24 32.38 -25.40 -27.30
N GLU D 25 32.09 -26.39 -28.13
CA GLU D 25 32.06 -26.10 -29.55
C GLU D 25 30.92 -25.13 -29.79
N ALA D 26 29.84 -25.30 -29.05
CA ALA D 26 28.67 -24.41 -29.15
C ALA D 26 29.06 -22.95 -28.92
N LEU D 27 29.87 -22.71 -27.88
CA LEU D 27 30.40 -21.38 -27.59
C LEU D 27 31.38 -20.89 -28.66
N GLU D 28 32.38 -21.72 -28.97
CA GLU D 28 33.41 -21.37 -29.93
C GLU D 28 32.82 -20.92 -31.28
N SER D 29 31.67 -21.49 -31.63
CA SER D 29 31.02 -21.26 -32.93
C SER D 29 30.29 -19.93 -33.06
N LYS D 30 29.78 -19.42 -31.94
CA LYS D 30 28.95 -18.22 -31.95
C LYS D 30 29.73 -16.98 -31.52
N LEU D 31 30.88 -17.19 -30.90
CA LEU D 31 31.58 -16.08 -30.25
C LEU D 31 33.07 -16.08 -30.55
N PRO D 32 33.72 -14.91 -30.37
CA PRO D 32 35.13 -14.68 -30.66
C PRO D 32 36.03 -15.11 -29.52
N LEU D 33 35.91 -16.36 -29.07
CA LEU D 33 36.71 -16.81 -27.95
C LEU D 33 37.30 -18.19 -28.19
N ALA D 34 38.34 -18.53 -27.44
CA ALA D 34 38.92 -19.85 -27.49
C ALA D 34 38.85 -20.52 -26.12
N LEU D 35 38.04 -21.57 -26.03
CA LEU D 35 37.74 -22.20 -24.74
C LEU D 35 38.51 -23.49 -24.55
N GLU D 36 39.02 -23.70 -23.35
CA GLU D 36 39.58 -25.00 -22.94
C GLU D 36 38.98 -25.39 -21.58
N ILE D 37 38.94 -26.69 -21.29
CA ILE D 37 38.23 -27.20 -20.11
C ILE D 37 39.12 -27.85 -19.03
N THR D 38 39.27 -27.15 -17.90
CA THR D 38 40.01 -27.70 -16.77
C THR D 38 39.02 -28.06 -15.67
N PRO D 39 39.13 -29.27 -15.12
CA PRO D 39 38.28 -29.62 -13.97
C PRO D 39 38.71 -28.89 -12.68
N PHE D 40 37.81 -28.80 -11.72
CA PHE D 40 38.13 -28.16 -10.45
C PHE D 40 39.21 -28.93 -9.70
N SER D 41 39.07 -30.24 -9.66
CA SER D 41 40.02 -31.09 -8.92
C SER D 41 41.44 -30.97 -9.47
N GLU D 42 41.54 -30.56 -10.74
CA GLU D 42 42.82 -30.48 -11.44
C GLU D 42 43.38 -29.03 -11.42
N LEU D 43 42.56 -28.11 -10.91
CA LEU D 43 42.90 -26.69 -10.88
C LEU D 43 44.26 -26.38 -10.25
N TRP D 44 44.64 -27.15 -9.23
CA TRP D 44 45.90 -26.92 -8.54
C TRP D 44 47.08 -27.21 -9.45
N LEU D 45 46.86 -28.02 -10.47
CA LEU D 45 47.90 -28.42 -11.42
C LEU D 45 48.06 -27.41 -12.54
N GLU D 46 47.16 -26.43 -12.57
CA GLU D 46 47.20 -25.38 -13.58
C GLU D 46 47.82 -24.12 -12.98
N GLU D 47 47.88 -24.10 -11.65
CA GLU D 47 48.17 -22.89 -10.90
C GLU D 47 49.49 -22.25 -11.26
N ASN D 48 50.50 -23.07 -11.49
CA ASN D 48 51.83 -22.57 -11.83
C ASN D 48 52.25 -22.95 -13.25
N LYS D 49 51.43 -22.56 -14.22
CA LYS D 49 51.74 -22.77 -15.63
C LYS D 49 51.75 -21.44 -16.38
N PRO D 50 52.76 -21.26 -17.25
CA PRO D 50 52.90 -20.03 -18.04
C PRO D 50 51.61 -19.71 -18.80
N GLU D 51 50.99 -20.73 -19.35
CA GLU D 51 49.77 -20.56 -20.13
C GLU D 51 48.60 -20.06 -19.28
N SER D 52 48.61 -20.41 -18.00
CA SER D 52 47.54 -20.02 -17.07
C SER D 52 47.42 -18.51 -16.91
N ARG D 53 48.52 -17.79 -17.14
CA ARG D 53 48.53 -16.34 -16.97
C ARG D 53 47.84 -15.60 -18.11
N SER D 54 47.61 -16.29 -19.22
CA SER D 54 46.96 -15.67 -20.38
C SER D 54 45.44 -15.64 -20.25
N ILE D 55 44.91 -16.38 -19.27
CA ILE D 55 43.47 -16.50 -19.13
C ILE D 55 42.82 -15.14 -18.86
N GLN D 56 41.81 -14.81 -19.66
CA GLN D 56 41.11 -13.54 -19.57
C GLN D 56 39.68 -13.70 -19.06
N MET D 57 39.20 -14.95 -19.02
CA MET D 57 37.85 -15.26 -18.52
C MET D 57 37.77 -16.67 -17.93
N LEU D 58 37.17 -16.75 -16.76
CA LEU D 58 36.84 -18.03 -16.17
C LEU D 58 35.33 -18.22 -16.26
N VAL D 59 34.92 -19.39 -16.75
CA VAL D 59 33.51 -19.78 -16.73
C VAL D 59 33.36 -20.85 -15.66
N ILE D 60 32.51 -20.60 -14.67
CA ILE D 60 32.50 -21.40 -13.45
C ILE D 60 31.24 -22.24 -13.31
N ASP D 61 31.36 -23.54 -13.54
CA ASP D 61 30.21 -24.43 -13.49
C ASP D 61 29.82 -24.68 -12.04
N TYR D 62 28.77 -23.99 -11.60
CA TYR D 62 28.32 -24.03 -10.22
C TYR D 62 27.79 -25.40 -9.80
N SER D 63 27.27 -26.16 -10.77
CA SER D 63 26.80 -27.52 -10.52
C SER D 63 27.97 -28.48 -10.22
N ARG D 64 29.19 -28.06 -10.56
CA ARG D 64 30.38 -28.87 -10.28
C ARG D 64 31.27 -28.22 -9.23
N ILE D 65 30.74 -27.26 -8.48
CA ILE D 65 31.53 -26.61 -7.44
C ILE D 65 31.26 -27.18 -6.04
N SER D 66 32.31 -27.63 -5.38
CA SER D 66 32.21 -28.06 -3.99
C SER D 66 32.90 -27.05 -3.08
N ASP D 67 32.72 -27.17 -1.77
CA ASP D 67 33.36 -26.29 -0.82
C ASP D 67 34.85 -26.58 -0.71
N ASP D 68 35.21 -27.83 -1.01
CA ASP D 68 36.60 -28.27 -1.00
C ASP D 68 37.44 -27.53 -2.03
N VAL D 69 36.93 -27.49 -3.27
CA VAL D 69 37.68 -26.93 -4.39
C VAL D 69 37.68 -25.41 -4.39
N LEU D 70 37.03 -24.80 -3.40
CA LEU D 70 36.90 -23.35 -3.33
C LEU D 70 38.21 -22.64 -3.01
N THR D 71 38.91 -23.13 -1.99
CA THR D 71 40.20 -22.57 -1.63
C THR D 71 41.19 -22.80 -2.77
N ASP D 72 41.08 -23.95 -3.43
CA ASP D 72 41.90 -24.24 -4.60
C ASP D 72 41.70 -23.16 -5.65
N TYR D 73 40.47 -22.65 -5.75
CA TYR D 73 40.15 -21.67 -6.76
C TYR D 73 40.74 -20.29 -6.46
N SER D 74 40.51 -19.80 -5.24
CA SER D 74 40.94 -18.45 -4.90
C SER D 74 42.45 -18.26 -4.99
N SER D 75 43.21 -19.34 -4.81
CA SER D 75 44.67 -19.25 -4.96
C SER D 75 45.08 -19.37 -6.43
N PHE D 76 44.38 -20.19 -7.20
CA PHE D 76 44.66 -20.30 -8.63
C PHE D 76 44.44 -18.97 -9.36
N LYS D 77 43.32 -18.32 -9.07
CA LYS D 77 42.96 -17.09 -9.75
C LYS D 77 43.90 -15.94 -9.39
N HIS D 78 44.22 -15.81 -8.10
CA HIS D 78 45.11 -14.74 -7.64
C HIS D 78 46.55 -14.90 -8.15
N ILE D 79 47.02 -16.15 -8.24
CA ILE D 79 48.37 -16.42 -8.73
C ILE D 79 48.49 -16.22 -10.24
N SER D 80 47.56 -16.81 -11.00
CA SER D 80 47.68 -16.83 -12.46
C SER D 80 46.91 -15.75 -13.22
N CYS D 81 45.63 -15.58 -12.93
CA CYS D 81 44.80 -14.66 -13.73
C CYS D 81 43.88 -13.82 -12.87
N PRO D 82 44.47 -12.97 -12.01
CA PRO D 82 43.76 -12.14 -11.03
C PRO D 82 42.73 -11.17 -11.62
N ASP D 83 42.99 -10.55 -12.77
CA ASP D 83 42.02 -9.63 -13.38
C ASP D 83 41.23 -10.22 -14.54
N ALA D 84 41.20 -11.53 -14.63
CA ALA D 84 40.32 -12.19 -15.58
C ALA D 84 38.91 -12.07 -15.02
N LYS D 85 37.94 -11.90 -15.90
CA LYS D 85 36.53 -11.88 -15.51
C LYS D 85 36.07 -13.27 -15.03
N GLU D 86 35.05 -13.28 -14.18
CA GLU D 86 34.37 -14.53 -13.86
C GLU D 86 32.91 -14.46 -14.30
N VAL D 87 32.41 -15.59 -14.78
CA VAL D 87 31.09 -15.71 -15.37
C VAL D 87 30.50 -17.00 -14.85
N ILE D 88 29.48 -16.93 -14.00
CA ILE D 88 28.93 -18.16 -13.43
C ILE D 88 27.87 -18.79 -14.34
N ILE D 89 27.90 -20.12 -14.50
CA ILE D 89 26.84 -20.87 -15.20
C ILE D 89 26.26 -21.95 -14.30
N ASN D 90 25.02 -22.35 -14.58
CA ASN D 90 24.38 -23.42 -13.83
C ASN D 90 24.15 -23.01 -12.37
N CYS D 91 24.08 -21.71 -12.15
CA CYS D 91 23.75 -21.15 -10.85
C CYS D 91 22.30 -21.48 -10.50
N PRO D 92 22.05 -21.84 -9.23
CA PRO D 92 20.67 -22.05 -8.77
C PRO D 92 19.86 -20.75 -8.74
N GLN D 93 18.64 -20.78 -9.26
CA GLN D 93 17.76 -19.60 -9.29
C GLN D 93 17.58 -18.96 -7.92
N ASP D 94 17.38 -19.79 -6.91
CA ASP D 94 17.10 -19.34 -5.57
C ASP D 94 18.36 -19.01 -4.77
N ILE D 95 19.47 -18.76 -5.46
CA ILE D 95 20.73 -18.53 -4.75
C ILE D 95 20.72 -17.25 -3.91
N GLU D 96 21.37 -17.31 -2.76
CA GLU D 96 21.48 -16.17 -1.86
C GLU D 96 22.51 -15.19 -2.42
N HIS D 97 22.14 -13.92 -2.47
CA HIS D 97 22.91 -12.91 -3.20
C HIS D 97 24.34 -12.66 -2.71
N LYS D 98 24.52 -12.61 -1.39
CA LYS D 98 25.82 -12.29 -0.81
C LYS D 98 26.89 -13.34 -1.16
N LEU D 99 26.45 -14.58 -1.28
CA LEU D 99 27.38 -15.68 -1.58
C LEU D 99 28.08 -15.50 -2.93
N LEU D 100 27.51 -14.67 -3.80
CA LEU D 100 28.08 -14.42 -5.13
C LEU D 100 29.20 -13.39 -5.13
N PHE D 101 29.24 -12.53 -4.11
CA PHE D 101 30.29 -11.51 -4.00
C PHE D 101 31.70 -12.07 -3.91
N LYS D 102 31.83 -13.33 -3.48
CA LYS D 102 33.13 -13.96 -3.26
C LYS D 102 33.91 -14.04 -4.57
N TRP D 103 33.21 -13.83 -5.68
CA TRP D 103 33.83 -13.72 -6.99
C TRP D 103 34.08 -12.24 -7.25
N ASN D 104 35.32 -11.84 -7.05
CA ASN D 104 35.68 -10.42 -7.08
C ASN D 104 35.63 -9.79 -8.46
N ASN D 105 35.54 -10.61 -9.51
CA ASN D 105 35.43 -10.11 -10.89
C ASN D 105 34.16 -10.50 -11.64
N LEU D 106 33.16 -10.98 -10.93
CA LEU D 106 31.93 -11.44 -11.58
C LEU D 106 31.44 -10.49 -12.67
N ALA D 107 31.31 -11.01 -13.89
CA ALA D 107 30.79 -10.23 -15.01
C ALA D 107 29.36 -10.62 -15.33
N GLY D 108 29.02 -11.88 -15.06
CA GLY D 108 27.71 -12.40 -15.43
C GLY D 108 27.31 -13.70 -14.75
N VAL D 109 26.01 -13.85 -14.53
CA VAL D 109 25.46 -15.06 -13.95
C VAL D 109 24.42 -15.73 -14.87
N PHE D 110 24.56 -17.04 -15.06
CA PHE D 110 23.61 -17.81 -15.86
C PHE D 110 23.04 -18.97 -15.04
N TYR D 111 21.72 -19.10 -15.03
CA TYR D 111 21.05 -20.00 -14.11
C TYR D 111 20.78 -21.38 -14.70
N ILE D 112 20.50 -22.34 -13.83
CA ILE D 112 20.43 -23.74 -14.21
C ILE D 112 19.39 -24.05 -15.28
N ASP D 113 18.52 -23.09 -15.58
CA ASP D 113 17.53 -23.33 -16.63
C ASP D 113 17.48 -22.23 -17.70
N ASP D 114 18.61 -21.54 -17.90
CA ASP D 114 18.76 -20.63 -19.02
C ASP D 114 19.13 -21.44 -20.24
N ASP D 115 18.55 -21.08 -21.38
CA ASP D 115 18.87 -21.77 -22.64
C ASP D 115 20.10 -21.17 -23.32
N MET D 116 20.65 -21.91 -24.29
CA MET D 116 21.80 -21.45 -25.05
C MET D 116 21.58 -20.04 -25.61
N ASP D 117 20.41 -19.80 -26.19
CA ASP D 117 20.10 -18.48 -26.75
C ASP D 117 20.29 -17.35 -25.74
N THR D 118 20.12 -17.69 -24.47
CA THR D 118 20.37 -16.73 -23.39
C THR D 118 21.87 -16.68 -23.08
N LEU D 119 22.57 -17.81 -23.25
CA LEU D 119 24.01 -17.83 -23.05
C LEU D 119 24.71 -16.94 -24.09
N ILE D 120 24.41 -17.17 -25.37
CA ILE D 120 24.94 -16.32 -26.43
C ILE D 120 24.57 -14.84 -26.20
N LYS D 121 23.29 -14.56 -25.99
CA LYS D 121 22.79 -13.19 -25.87
C LYS D 121 23.54 -12.37 -24.81
N GLY D 122 23.74 -12.97 -23.64
CA GLY D 122 24.43 -12.29 -22.55
C GLY D 122 25.94 -12.35 -22.69
N MET D 123 26.46 -13.48 -23.14
CA MET D 123 27.89 -13.59 -23.36
C MET D 123 28.35 -12.52 -24.36
N SER D 124 27.49 -12.25 -25.34
CA SER D 124 27.75 -11.23 -26.36
C SER D 124 27.90 -9.87 -25.72
N LYS D 125 27.05 -9.60 -24.74
CA LYS D 125 27.10 -8.35 -23.98
C LYS D 125 28.36 -8.29 -23.10
N ILE D 126 28.73 -9.43 -22.54
CA ILE D 126 29.92 -9.52 -21.70
C ILE D 126 31.18 -9.31 -22.52
N LEU D 127 31.30 -9.99 -23.66
CA LEU D 127 32.45 -9.77 -24.55
C LEU D 127 32.54 -8.33 -25.02
N GLN D 128 31.41 -7.63 -25.04
CA GLN D 128 31.36 -6.19 -25.31
C GLN D 128 31.56 -5.34 -24.04
N ASP D 129 31.90 -6.00 -22.93
CA ASP D 129 32.25 -5.33 -21.67
C ASP D 129 31.09 -4.83 -20.81
N GLU D 130 29.88 -5.29 -21.10
CA GLU D 130 28.75 -5.02 -20.22
C GLU D 130 28.50 -6.24 -19.33
N MET D 131 27.63 -6.13 -18.34
CA MET D 131 27.43 -7.27 -17.47
C MET D 131 26.11 -7.96 -17.78
N TRP D 132 25.92 -9.14 -17.18
CA TRP D 132 24.69 -9.90 -17.33
C TRP D 132 24.25 -10.30 -15.93
N LEU D 133 23.87 -9.29 -15.14
CA LEU D 133 23.39 -9.51 -13.78
C LEU D 133 21.92 -9.17 -13.70
N THR D 134 21.19 -9.96 -12.91
CA THR D 134 19.80 -9.68 -12.59
C THR D 134 19.63 -8.26 -12.06
N ARG D 135 18.42 -7.72 -12.17
CA ARG D 135 18.11 -6.41 -11.59
C ARG D 135 18.37 -6.40 -10.09
N LYS D 136 17.87 -7.44 -9.43
CA LYS D 136 18.03 -7.55 -7.98
C LYS D 136 19.48 -7.80 -7.60
N LEU D 137 20.18 -8.65 -8.34
CA LEU D 137 21.58 -8.93 -8.01
C LEU D 137 22.36 -7.62 -8.11
N ALA D 138 22.14 -6.90 -9.21
CA ALA D 138 22.79 -5.62 -9.40
C ALA D 138 22.49 -4.72 -8.22
N GLN D 139 21.23 -4.72 -7.77
CA GLN D 139 20.81 -3.89 -6.66
C GLN D 139 21.47 -4.31 -5.35
N GLU D 140 21.62 -5.62 -5.15
CA GLU D 140 22.28 -6.13 -3.96
C GLU D 140 23.73 -5.69 -3.94
N TYR D 141 24.34 -5.63 -5.12
CA TYR D 141 25.71 -5.15 -5.22
C TYR D 141 25.80 -3.73 -4.68
N ILE D 142 25.09 -2.81 -5.32
CA ILE D 142 25.08 -1.41 -4.91
C ILE D 142 24.79 -1.26 -3.42
N LEU D 143 23.63 -1.72 -2.96
CA LEU D 143 23.27 -1.61 -1.54
C LEU D 143 24.42 -2.01 -0.61
N HIS D 144 25.03 -3.16 -0.89
CA HIS D 144 26.13 -3.68 -0.09
C HIS D 144 27.40 -2.81 -0.15
N TYR D 145 27.96 -2.64 -1.35
CA TYR D 145 29.21 -1.92 -1.51
C TYR D 145 29.09 -0.39 -1.32
N ARG D 146 27.90 0.14 -1.59
CA ARG D 146 27.64 1.57 -1.39
C ARG D 146 27.61 1.90 0.10
N ALA D 147 27.29 0.90 0.92
CA ALA D 147 27.22 1.09 2.37
C ALA D 147 28.59 0.95 3.04
N GLY D 148 29.62 0.74 2.22
CA GLY D 148 30.98 0.61 2.74
C GLY D 148 31.30 -0.76 3.29
N ASN D 149 30.51 -1.76 2.90
CA ASN D 149 30.77 -3.14 3.26
C ASN D 149 31.51 -3.81 2.12
N SER D 150 32.25 -4.88 2.40
CA SER D 150 33.01 -5.57 1.38
C SER D 150 32.93 -7.09 1.46
N VAL D 151 33.84 -7.70 2.20
CA VAL D 151 33.98 -9.15 2.21
C VAL D 151 32.98 -9.84 3.15
N VAL D 152 32.21 -10.78 2.59
CA VAL D 152 31.24 -11.57 3.32
C VAL D 152 31.88 -12.86 3.85
N THR D 153 31.93 -13.02 5.16
CA THR D 153 32.63 -14.16 5.76
C THR D 153 31.75 -15.41 5.78
N HIS D 194 48.51 -25.49 15.70
CA HIS D 194 47.19 -24.93 15.41
C HIS D 194 47.00 -24.64 13.94
N LEU D 195 47.84 -23.75 13.40
CA LEU D 195 47.71 -23.34 12.01
C LEU D 195 47.44 -24.55 11.13
N HIS D 196 48.02 -25.70 11.48
CA HIS D 196 47.86 -26.92 10.69
C HIS D 196 46.50 -27.60 10.87
N ASN D 197 45.95 -27.55 12.08
CA ASN D 197 44.59 -28.03 12.33
C ASN D 197 43.56 -27.26 11.50
N VAL D 198 43.79 -25.96 11.32
CA VAL D 198 42.88 -25.11 10.56
C VAL D 198 42.95 -25.28 9.04
N PHE D 199 43.97 -25.98 8.54
CA PHE D 199 44.13 -26.17 7.09
C PHE D 199 43.06 -27.11 6.52
N LYS D 200 42.17 -27.59 7.39
CA LYS D 200 40.94 -28.25 6.98
C LYS D 200 39.87 -28.01 8.05
N LYS D 201 38.64 -27.74 7.64
CA LYS D 201 38.29 -27.69 6.22
C LYS D 201 38.45 -26.30 5.61
N ILE D 202 39.65 -25.74 5.70
CA ILE D 202 40.03 -24.62 4.85
C ILE D 202 40.50 -25.25 3.54
N ASN D 203 41.07 -26.44 3.67
CA ASN D 203 41.65 -27.20 2.56
C ASN D 203 42.91 -26.59 1.97
N ALA D 204 43.70 -25.94 2.83
CA ALA D 204 44.93 -25.29 2.42
C ALA D 204 46.09 -26.29 2.32
N LYS D 205 46.67 -26.38 1.13
CA LYS D 205 47.80 -27.26 0.90
C LYS D 205 49.08 -26.68 1.51
N ASN D 206 49.01 -25.43 1.94
CA ASN D 206 50.15 -24.77 2.54
C ASN D 206 49.77 -23.54 3.35
N ARG D 207 50.77 -22.75 3.72
CA ARG D 207 50.49 -21.46 4.33
C ARG D 207 49.80 -20.57 3.31
N LEU D 208 50.42 -20.39 2.15
CA LEU D 208 49.93 -19.49 1.10
C LEU D 208 48.42 -19.58 0.83
N GLN D 209 47.89 -20.79 0.72
CA GLN D 209 46.44 -21.00 0.54
C GLN D 209 45.66 -20.42 1.71
N ALA D 210 46.27 -20.45 2.89
CA ALA D 210 45.65 -19.95 4.12
C ALA D 210 45.43 -18.43 4.17
N LEU D 211 46.47 -17.65 3.91
CA LEU D 211 46.33 -16.19 3.85
C LEU D 211 45.40 -15.72 2.71
N ILE D 212 45.49 -16.37 1.54
CA ILE D 212 44.58 -16.09 0.43
C ILE D 212 43.14 -16.44 0.78
N TRP D 213 42.97 -17.55 1.52
CA TRP D 213 41.66 -17.90 2.05
C TRP D 213 41.21 -16.85 3.07
N ALA D 214 42.14 -16.31 3.86
CA ALA D 214 41.77 -15.31 4.84
C ALA D 214 41.25 -14.02 4.18
N LYS D 215 41.98 -13.53 3.16
CA LYS D 215 41.55 -12.36 2.37
C LYS D 215 40.13 -12.57 1.79
N ASN D 216 39.97 -13.65 1.04
CA ASN D 216 38.68 -14.15 0.56
C ASN D 216 38.02 -15.00 1.67
N ASN D 217 37.62 -14.35 2.77
CA ASN D 217 36.98 -14.97 3.96
C ASN D 217 37.49 -14.33 5.27
#